data_6Q83
#
_entry.id   6Q83
#
_cell.length_a   198.260
_cell.length_b   198.260
_cell.length_c   289.630
_cell.angle_alpha   90.000
_cell.angle_beta   90.000
_cell.angle_gamma   120.000
#
_symmetry.space_group_name_H-M   'H 3 2'
#
loop_
_entity.id
_entity.type
_entity.pdbx_description
1 polymer 'Importin beta-like protein KAP122'
2 polymer UBC9
#
loop_
_entity_poly.entity_id
_entity_poly.type
_entity_poly.pdbx_seq_one_letter_code
_entity_poly.pdbx_strand_id
1 'polypeptide(L)'
;SSIHEVVALIEELYSPHPKHDVNQIQQSLQSIQKSEQGFHLANELLSDDKYSANVKYFGALTLTVQLNTRGENDYETLWN
VFRSNLLYLTKFSTLYVSNPNMYGQSLIIIKKLMSNLSLIFTKINDPQLNNAGNENMIKQWNNPINTFIQLMSVQNQNIN
ADQLLLDSINCSLTYEQLSQFVSLSQKHNELALTFTEVIVEDLTKFQTKRHSMSQIHEVVHEHLYISTMALINLNLTAQA
VFNPTVFDCITAWINYISLTRSVSSSGRMDLSEIFQNLIDLMYQSTEGSDGYENAEKILTIFGNVFANDPLLMSYDLRQQ
IECIFLGVVRPDSGITDISNKNSWMLQYMNYLVTNDFFSELKELAICIVDFLQINTLSVCNKLFTNIQAADNGQVQDEYI
QEYIKVLLQMTNFPLTPVLQEFFSVRMVDFWLDLSDAYTNLASETLRPNSIELSTQIFQQLINIYLPKISLSVKQRIIEE
EGESTSVNEFEDFRNAVSDLAQSLWSILGNDNLTNVLIDGMGQMPAASDETLIIKDTDVLFRIETMCFVLNTILVDMTLS
ESPWIKNIVDANKFFNQNVISVFQTGFQTSASTKVSQILKLDFVRTSTTLIGTLAGYFKQEPFQLNPYVEALFQGLHTCT
NFTSKNEQEKISNDKLEVMVIKTVSTLCETCREELTPYLMHFISFLNTVIMPDSNVSHFTRTKLVRSIGYVVQCQVSNGP
EEQAKYILQLTNLLSGSIEHCLASSVQLQEQQDYINCLLYCISELATSLIQPTEIIENDALLQRLSEFQSFWSSDPLQIR
SKIMCTIDKVLDNSIYCKNSAFVEIGCLIVGKGLNLPDGEPYFLKYNMSEVMNFVLRHVPNCELATCLPYFVYLLEKLIS
EFRKELTPQEFDFMFEKILLVYYDAYIINDPDLLQMTIGFVNNVLDVKPGLAIGSKHWTSFILPQFLKLIPSREKFTIVA
VAKFWTKLINNKKYNQEELTTVRQQVSSIGGDLVYQIMYGLFHTQRSDLNSYTDLLRALVAKFPIEAREWLVAVLPQICN
NPAGHEKFINKLLITRGSRAAGNVILQWWLDCTTLPNYQG
;
A
2 'polypeptide(L)'
;GSSLCLQRLQEERKKWRKDHPFGFYAKPVKKADGSMDLQKWEAGIPGKEGTNWAGGVYPITVEYPNEYPSKPPKVKFPAG
FYHPNVYPSGTICLSILNEDQDWRPAITLKQIVLGVQDLLDSPNPNSPAQEPAWRSFSRNKAEYDKKVLLQAKQYSK
;
B
#
# COMPACT_ATOMS: atom_id res chain seq x y z
N SER A 2 8.62 -58.62 11.88
CA SER A 2 8.33 -57.22 12.16
C SER A 2 7.46 -56.65 11.07
N ILE A 3 7.27 -57.40 9.98
CA ILE A 3 6.42 -56.89 8.92
C ILE A 3 4.99 -56.83 9.45
N HIS A 4 4.63 -57.79 10.31
CA HIS A 4 3.33 -57.78 10.95
C HIS A 4 3.19 -56.58 11.89
N GLU A 5 4.30 -56.15 12.50
CA GLU A 5 4.29 -54.96 13.34
C GLU A 5 4.15 -53.70 12.50
N VAL A 6 4.77 -53.69 11.33
CA VAL A 6 4.68 -52.53 10.45
C VAL A 6 3.25 -52.36 9.95
N VAL A 7 2.63 -53.45 9.48
CA VAL A 7 1.25 -53.33 9.04
C VAL A 7 0.34 -52.99 10.22
N ALA A 8 0.71 -53.41 11.43
CA ALA A 8 -0.10 -53.11 12.60
C ALA A 8 -0.12 -51.62 12.90
N LEU A 9 1.04 -50.98 12.96
CA LEU A 9 1.03 -49.54 13.25
C LEU A 9 0.64 -48.69 12.04
N ILE A 10 0.73 -49.22 10.82
CA ILE A 10 0.21 -48.48 9.68
C ILE A 10 -1.31 -48.41 9.75
N GLU A 11 -1.96 -49.55 10.00
CA GLU A 11 -3.41 -49.52 10.20
C GLU A 11 -3.79 -48.76 11.47
N GLU A 12 -2.92 -48.73 12.48
CA GLU A 12 -3.24 -47.93 13.66
C GLU A 12 -3.21 -46.44 13.37
N LEU A 13 -2.37 -46.00 12.43
CA LEU A 13 -2.32 -44.57 12.14
C LEU A 13 -3.62 -44.08 11.50
N TYR A 14 -4.28 -44.92 10.71
CA TYR A 14 -5.48 -44.55 9.97
C TYR A 14 -6.77 -44.96 10.67
N SER A 15 -6.69 -45.50 11.89
CA SER A 15 -7.89 -45.84 12.62
C SER A 15 -8.56 -44.56 13.12
N PRO A 16 -9.88 -44.58 13.33
CA PRO A 16 -10.57 -43.35 13.77
C PRO A 16 -10.05 -42.79 15.09
N HIS A 17 -9.99 -43.60 16.14
CA HIS A 17 -9.49 -43.20 17.44
C HIS A 17 -8.36 -44.16 17.81
N PRO A 18 -7.14 -43.89 17.39
CA PRO A 18 -6.03 -44.83 17.65
C PRO A 18 -5.54 -44.79 19.09
N LYS A 19 -4.69 -45.78 19.39
CA LYS A 19 -4.03 -45.94 20.68
C LYS A 19 -2.77 -45.10 20.77
N HIS A 20 -1.82 -45.54 21.60
CA HIS A 20 -0.66 -44.77 22.08
C HIS A 20 -0.62 -43.32 21.65
N ASP A 21 -0.23 -43.06 20.41
CA ASP A 21 -0.09 -41.70 19.91
C ASP A 21 -0.07 -41.75 18.39
N VAL A 22 -0.58 -40.69 17.76
CA VAL A 22 -0.53 -40.63 16.31
C VAL A 22 0.81 -40.07 15.85
N ASN A 23 1.34 -39.10 16.61
CA ASN A 23 2.60 -38.48 16.23
C ASN A 23 3.75 -39.45 16.42
N GLN A 24 3.69 -40.31 17.44
CA GLN A 24 4.77 -41.25 17.70
C GLN A 24 4.79 -42.36 16.67
N ILE A 25 3.64 -42.93 16.34
CA ILE A 25 3.62 -43.97 15.32
C ILE A 25 3.96 -43.38 13.96
N GLN A 26 3.71 -42.07 13.77
CA GLN A 26 4.13 -41.43 12.54
C GLN A 26 5.64 -41.27 12.49
N GLN A 27 6.26 -40.87 13.60
CA GLN A 27 7.72 -40.77 13.64
C GLN A 27 8.39 -42.13 13.48
N SER A 28 7.80 -43.18 14.06
CA SER A 28 8.37 -44.51 13.85
C SER A 28 8.21 -44.96 12.40
N LEU A 29 7.11 -44.59 11.76
CA LEU A 29 6.95 -44.91 10.35
C LEU A 29 7.98 -44.16 9.51
N GLN A 30 8.32 -42.94 9.90
CA GLN A 30 9.40 -42.23 9.23
C GLN A 30 10.76 -42.80 9.58
N SER A 31 10.84 -43.61 10.64
CA SER A 31 12.12 -44.21 11.01
C SER A 31 12.38 -45.53 10.32
N ILE A 32 11.32 -46.26 9.96
CA ILE A 32 11.53 -47.55 9.28
C ILE A 32 12.15 -47.31 7.91
N GLN A 33 11.70 -46.26 7.22
CA GLN A 33 12.20 -45.82 5.93
C GLN A 33 13.25 -44.74 6.14
N LYS A 34 14.25 -44.70 5.26
CA LYS A 34 14.34 -45.48 4.02
C LYS A 34 15.15 -46.76 4.17
N SER A 35 15.71 -46.96 5.37
CA SER A 35 16.84 -47.84 5.63
C SER A 35 16.71 -49.17 4.90
N GLU A 36 17.86 -49.80 4.63
CA GLU A 36 18.05 -50.83 3.60
C GLU A 36 16.91 -51.83 3.45
N GLN A 37 16.04 -51.94 4.45
CA GLN A 37 14.85 -52.77 4.35
C GLN A 37 13.60 -51.99 4.02
N GLY A 38 13.67 -50.66 4.02
CA GLY A 38 12.51 -49.85 3.71
C GLY A 38 12.11 -50.04 2.25
N PHE A 39 13.11 -50.15 1.37
CA PHE A 39 12.87 -50.42 -0.04
C PHE A 39 12.23 -51.79 -0.24
N HIS A 40 12.74 -52.83 0.43
CA HIS A 40 12.15 -54.16 0.25
C HIS A 40 10.78 -54.21 0.90
N LEU A 41 10.61 -53.48 2.01
CA LEU A 41 9.29 -53.39 2.64
C LEU A 41 8.30 -52.74 1.69
N ALA A 42 8.73 -51.69 0.98
CA ALA A 42 7.83 -51.01 0.06
C ALA A 42 7.44 -51.93 -1.09
N ASN A 43 8.39 -52.71 -1.60
CA ASN A 43 8.06 -53.62 -2.68
C ASN A 43 7.11 -54.71 -2.21
N GLU A 44 7.27 -55.18 -0.97
CA GLU A 44 6.34 -56.18 -0.45
C GLU A 44 4.97 -55.59 -0.14
N LEU A 45 4.92 -54.31 0.24
CA LEU A 45 3.64 -53.63 0.47
C LEU A 45 2.88 -53.40 -0.83
N LEU A 46 3.59 -53.18 -1.94
CA LEU A 46 2.88 -52.95 -3.18
C LEU A 46 2.51 -54.25 -3.89
N SER A 47 3.36 -55.29 -3.77
CA SER A 47 3.06 -56.55 -4.45
C SER A 47 1.93 -57.31 -3.77
N ASP A 48 1.73 -57.12 -2.47
CA ASP A 48 0.68 -57.82 -1.73
C ASP A 48 -0.67 -57.14 -1.95
N ASP A 49 -1.64 -57.92 -2.45
CA ASP A 49 -2.98 -57.42 -2.73
C ASP A 49 -3.88 -57.35 -1.51
N LYS A 50 -3.55 -58.06 -0.43
CA LYS A 50 -4.40 -58.09 0.76
C LYS A 50 -4.29 -56.84 1.62
N TYR A 51 -3.29 -56.00 1.40
CA TYR A 51 -3.12 -54.79 2.17
C TYR A 51 -4.13 -53.73 1.75
N SER A 52 -4.37 -52.79 2.66
CA SER A 52 -5.31 -51.72 2.39
C SER A 52 -4.71 -50.73 1.40
N ALA A 53 -5.56 -49.84 0.90
CA ALA A 53 -5.11 -48.83 -0.07
C ALA A 53 -4.16 -47.83 0.57
N ASN A 54 -4.39 -47.50 1.84
CA ASN A 54 -3.51 -46.56 2.53
C ASN A 54 -2.12 -47.17 2.75
N VAL A 55 -2.07 -48.48 3.03
CA VAL A 55 -0.77 -49.13 3.22
C VAL A 55 0.00 -49.16 1.90
N LYS A 56 -0.68 -49.42 0.79
CA LYS A 56 0.01 -49.41 -0.50
C LYS A 56 0.47 -48.00 -0.84
N TYR A 57 -0.33 -46.99 -0.46
CA TYR A 57 0.08 -45.60 -0.68
C TYR A 57 1.33 -45.31 0.13
N PHE A 58 1.40 -45.84 1.34
CA PHE A 58 2.61 -45.66 2.14
C PHE A 58 3.79 -46.41 1.52
N GLY A 59 3.53 -47.50 0.81
CA GLY A 59 4.60 -48.16 0.09
C GLY A 59 5.19 -47.30 -1.02
N ALA A 60 4.31 -46.71 -1.84
CA ALA A 60 4.78 -45.76 -2.86
C ALA A 60 5.43 -44.52 -2.28
N LEU A 61 4.96 -44.06 -1.10
CA LEU A 61 5.59 -42.92 -0.44
C LEU A 61 6.97 -43.30 0.07
N THR A 62 7.09 -44.50 0.64
CA THR A 62 8.39 -44.97 1.10
C THR A 62 9.32 -45.13 -0.08
N LEU A 63 8.79 -45.51 -1.24
CA LEU A 63 9.62 -45.53 -2.43
C LEU A 63 10.06 -44.14 -2.79
N THR A 64 9.24 -43.12 -2.51
CA THR A 64 9.59 -41.77 -2.93
C THR A 64 10.88 -41.29 -2.29
N VAL A 65 11.26 -41.83 -1.14
CA VAL A 65 12.49 -41.37 -0.51
C VAL A 65 13.59 -42.07 -1.29
N GLN A 66 14.04 -41.42 -2.35
CA GLN A 66 15.17 -41.87 -3.14
C GLN A 66 16.33 -40.89 -3.08
N LEU A 67 16.16 -39.79 -2.35
CA LEU A 67 17.22 -38.77 -2.23
C LEU A 67 18.39 -39.30 -1.41
N ASN A 68 18.19 -40.38 -0.67
CA ASN A 68 19.21 -41.00 0.14
C ASN A 68 20.14 -41.81 -0.75
N THR A 77 23.63 -44.37 -4.26
CA THR A 77 23.78 -43.12 -5.00
C THR A 77 23.15 -43.27 -6.37
N LEU A 78 23.92 -43.78 -7.33
CA LEU A 78 23.35 -43.97 -8.65
C LEU A 78 22.71 -45.34 -8.85
N TRP A 79 23.11 -46.37 -8.07
CA TRP A 79 22.55 -47.70 -8.31
C TRP A 79 21.18 -47.90 -7.67
N ASN A 80 20.97 -47.37 -6.47
CA ASN A 80 19.67 -47.56 -5.81
C ASN A 80 18.56 -46.86 -6.56
N VAL A 81 18.89 -45.86 -7.39
CA VAL A 81 17.87 -45.20 -8.19
C VAL A 81 17.37 -46.13 -9.27
N PHE A 82 18.28 -46.87 -9.91
CA PHE A 82 17.85 -47.83 -10.93
C PHE A 82 17.08 -48.98 -10.31
N ARG A 83 17.59 -49.49 -9.18
CA ARG A 83 16.89 -50.58 -8.50
C ARG A 83 15.52 -50.12 -8.00
N SER A 84 15.37 -48.83 -7.73
CA SER A 84 14.05 -48.35 -7.32
C SER A 84 13.14 -48.21 -8.54
N ASN A 85 13.60 -47.50 -9.58
CA ASN A 85 12.78 -47.27 -10.76
C ASN A 85 12.28 -48.57 -11.39
N LEU A 86 13.07 -49.65 -11.32
CA LEU A 86 12.57 -50.93 -11.83
C LEU A 86 11.34 -51.39 -11.08
N LEU A 87 11.37 -51.32 -9.76
CA LEU A 87 10.22 -51.75 -8.96
C LEU A 87 9.10 -50.72 -8.96
N TYR A 88 9.42 -49.45 -9.23
CA TYR A 88 8.39 -48.45 -9.45
C TYR A 88 7.56 -48.80 -10.68
N LEU A 89 8.23 -49.01 -11.83
CA LEU A 89 7.52 -49.38 -13.04
C LEU A 89 6.87 -50.76 -12.91
N THR A 90 7.40 -51.62 -12.04
CA THR A 90 6.80 -52.94 -11.86
C THR A 90 5.46 -52.85 -11.15
N LYS A 91 5.44 -52.26 -9.95
CA LYS A 91 4.16 -52.06 -9.26
C LYS A 91 3.24 -51.12 -10.02
N PHE A 92 3.82 -50.25 -10.85
CA PHE A 92 3.08 -49.41 -11.76
C PHE A 92 2.25 -50.27 -12.69
N SER A 93 2.93 -51.03 -13.55
CA SER A 93 2.22 -51.86 -14.51
C SER A 93 1.26 -52.81 -13.81
N THR A 94 1.58 -53.20 -12.58
CA THR A 94 0.69 -54.11 -11.85
C THR A 94 -0.67 -53.45 -11.61
N LEU A 95 -0.67 -52.33 -10.88
CA LEU A 95 -1.96 -51.72 -10.58
C LEU A 95 -2.62 -51.13 -11.83
N TYR A 96 -1.82 -50.70 -12.82
CA TYR A 96 -2.41 -50.13 -14.02
C TYR A 96 -2.98 -51.19 -14.94
N VAL A 97 -2.66 -52.46 -14.73
CA VAL A 97 -3.37 -53.52 -15.42
C VAL A 97 -4.57 -53.94 -14.58
N SER A 98 -4.48 -53.83 -13.25
CA SER A 98 -5.63 -54.19 -12.43
C SER A 98 -6.76 -53.17 -12.54
N ASN A 99 -6.47 -51.96 -13.04
CA ASN A 99 -7.48 -50.89 -13.13
C ASN A 99 -8.44 -51.01 -14.32
N PRO A 100 -7.96 -51.13 -15.57
CA PRO A 100 -8.83 -50.91 -16.73
C PRO A 100 -9.95 -51.93 -16.89
N ASN A 101 -9.84 -53.12 -16.31
CA ASN A 101 -10.92 -54.07 -16.52
C ASN A 101 -12.12 -53.60 -15.70
N MET A 102 -12.06 -53.77 -14.38
CA MET A 102 -13.04 -53.22 -13.46
C MET A 102 -12.52 -53.29 -12.03
N TYR A 103 -11.97 -52.20 -11.52
CA TYR A 103 -11.53 -52.18 -10.14
C TYR A 103 -12.17 -51.00 -9.42
N GLY A 104 -11.93 -49.78 -9.89
CA GLY A 104 -12.55 -48.61 -9.29
C GLY A 104 -11.94 -48.19 -7.97
N GLN A 105 -11.79 -46.88 -7.81
CA GLN A 105 -11.29 -46.24 -6.58
C GLN A 105 -9.91 -46.76 -6.17
N SER A 106 -9.16 -47.31 -7.14
CA SER A 106 -7.83 -47.83 -6.91
C SER A 106 -6.78 -46.94 -7.57
N LEU A 107 -7.18 -45.77 -8.05
CA LEU A 107 -6.30 -44.87 -8.78
C LEU A 107 -5.59 -43.88 -7.88
N ILE A 108 -5.75 -44.01 -6.56
CA ILE A 108 -5.04 -43.14 -5.63
C ILE A 108 -3.56 -43.51 -5.60
N ILE A 109 -3.29 -44.80 -5.42
CA ILE A 109 -1.93 -45.29 -5.52
C ILE A 109 -1.43 -45.13 -6.96
N ILE A 110 -2.34 -45.19 -7.93
CA ILE A 110 -1.99 -44.94 -9.33
C ILE A 110 -1.42 -43.54 -9.49
N LYS A 111 -2.05 -42.53 -8.86
CA LYS A 111 -1.54 -41.18 -8.98
C LYS A 111 -0.25 -41.01 -8.19
N LYS A 112 -0.13 -41.69 -7.05
CA LYS A 112 1.11 -41.55 -6.28
C LYS A 112 2.30 -42.17 -7.01
N LEU A 113 2.11 -43.35 -7.61
CA LEU A 113 3.16 -43.95 -8.39
C LEU A 113 3.48 -43.11 -9.63
N MET A 114 2.48 -42.45 -10.21
CA MET A 114 2.74 -41.51 -11.30
C MET A 114 3.62 -40.37 -10.84
N SER A 115 3.34 -39.86 -9.63
CA SER A 115 4.15 -38.77 -9.10
C SER A 115 5.57 -39.22 -8.84
N ASN A 116 5.73 -40.46 -8.37
CA ASN A 116 7.08 -40.97 -8.12
C ASN A 116 7.86 -41.09 -9.43
N LEU A 117 7.21 -41.58 -10.49
CA LEU A 117 7.90 -41.67 -11.78
C LEU A 117 8.19 -40.28 -12.35
N SER A 118 7.33 -39.29 -12.08
CA SER A 118 7.60 -37.93 -12.54
C SER A 118 8.83 -37.36 -11.84
N LEU A 119 8.96 -37.62 -10.53
CA LEU A 119 10.15 -37.19 -9.81
C LEU A 119 11.39 -37.89 -10.34
N ILE A 120 11.26 -39.17 -10.71
CA ILE A 120 12.39 -39.87 -11.32
C ILE A 120 12.78 -39.24 -12.65
N PHE A 121 11.78 -38.91 -13.49
CA PHE A 121 12.07 -38.28 -14.78
C PHE A 121 12.74 -36.93 -14.61
N THR A 122 12.39 -36.19 -13.56
CA THR A 122 13.03 -34.90 -13.33
C THR A 122 14.45 -35.07 -12.81
N LYS A 123 14.66 -36.06 -11.94
CA LYS A 123 15.97 -36.19 -11.32
C LYS A 123 17.00 -36.79 -12.28
N ILE A 124 16.61 -37.77 -13.09
CA ILE A 124 17.59 -38.42 -13.96
C ILE A 124 18.04 -37.49 -15.09
N ASN A 125 17.11 -36.81 -15.74
CA ASN A 125 17.51 -35.93 -16.84
C ASN A 125 18.26 -34.66 -16.40
N ASP A 126 18.43 -34.39 -15.11
CA ASP A 126 19.28 -33.28 -14.68
C ASP A 126 20.76 -33.51 -15.04
N PRO A 127 21.56 -32.43 -15.03
CA PRO A 127 23.00 -32.59 -15.35
C PRO A 127 23.75 -33.63 -14.54
N GLN A 128 23.50 -33.74 -13.24
CA GLN A 128 24.20 -34.74 -12.44
C GLN A 128 23.45 -35.11 -11.17
N ASN A 136 29.92 -49.16 -17.90
CA ASN A 136 28.48 -49.31 -17.89
C ASN A 136 27.81 -48.15 -17.18
N MET A 137 26.80 -47.57 -17.84
CA MET A 137 26.03 -46.48 -17.23
C MET A 137 24.60 -46.56 -17.76
N ILE A 138 23.82 -45.51 -17.51
CA ILE A 138 22.40 -45.49 -17.80
C ILE A 138 22.07 -44.19 -18.54
N LYS A 139 21.49 -44.32 -19.72
CA LYS A 139 21.22 -43.16 -20.56
C LYS A 139 19.92 -42.47 -20.13
N GLN A 140 19.49 -41.50 -20.93
CA GLN A 140 18.32 -40.71 -20.56
C GLN A 140 17.03 -41.44 -20.92
N TRP A 141 15.95 -41.08 -20.22
CA TRP A 141 14.64 -41.68 -20.45
C TRP A 141 14.00 -41.19 -21.74
N ASN A 142 13.95 -39.86 -21.93
CA ASN A 142 13.49 -39.19 -23.15
C ASN A 142 11.98 -39.26 -23.36
N ASN A 143 11.33 -40.38 -22.97
CA ASN A 143 9.91 -40.50 -23.24
C ASN A 143 9.28 -41.58 -22.36
N PRO A 144 8.79 -41.21 -21.17
CA PRO A 144 8.12 -42.21 -20.31
C PRO A 144 6.73 -42.63 -20.77
N ILE A 145 6.04 -41.82 -21.58
CA ILE A 145 4.70 -42.16 -22.03
C ILE A 145 4.73 -43.39 -22.92
N ASN A 146 5.67 -43.43 -23.86
CA ASN A 146 5.77 -44.59 -24.73
C ASN A 146 6.10 -45.84 -23.93
N THR A 147 7.05 -45.71 -22.98
CA THR A 147 7.40 -46.85 -22.15
C THR A 147 6.16 -47.38 -21.44
N PHE A 148 5.31 -46.48 -20.94
CA PHE A 148 4.08 -46.95 -20.30
C PHE A 148 3.15 -47.59 -21.31
N ILE A 149 3.24 -47.19 -22.58
CA ILE A 149 2.31 -47.71 -23.56
C ILE A 149 2.58 -49.19 -23.80
N GLN A 150 3.83 -49.54 -24.09
CA GLN A 150 4.11 -50.94 -24.42
C GLN A 150 4.10 -51.87 -23.21
N LEU A 151 4.21 -51.33 -21.99
CA LEU A 151 4.13 -52.11 -20.76
C LEU A 151 2.80 -52.82 -20.54
N MET A 152 1.76 -52.53 -21.32
CA MET A 152 0.50 -53.26 -21.25
C MET A 152 0.42 -54.38 -22.30
N SER A 153 1.39 -55.31 -22.26
CA SER A 153 1.37 -56.40 -23.24
C SER A 153 2.12 -57.61 -22.66
N VAL A 154 1.38 -58.49 -22.00
CA VAL A 154 1.99 -59.68 -21.40
C VAL A 154 1.24 -60.94 -21.78
N ALA A 161 12.80 -62.43 -21.22
CA ALA A 161 11.42 -62.77 -21.55
C ALA A 161 10.44 -61.89 -20.78
N ASP A 162 10.64 -61.75 -19.47
CA ASP A 162 9.76 -60.92 -18.67
C ASP A 162 10.48 -59.69 -18.12
N GLN A 163 11.56 -59.89 -17.38
CA GLN A 163 12.31 -58.73 -16.91
C GLN A 163 13.12 -58.11 -18.03
N LEU A 164 13.34 -58.85 -19.12
CA LEU A 164 14.06 -58.35 -20.27
C LEU A 164 13.23 -57.40 -21.12
N LEU A 165 11.91 -57.43 -20.95
CA LEU A 165 11.01 -56.59 -21.74
C LEU A 165 11.15 -55.11 -21.42
N LEU A 166 11.29 -54.77 -20.13
CA LEU A 166 11.32 -53.35 -19.76
C LEU A 166 12.50 -52.63 -20.36
N ASP A 167 13.58 -53.36 -20.67
CA ASP A 167 14.78 -52.74 -21.20
C ASP A 167 14.54 -52.21 -22.61
N SER A 168 14.04 -53.07 -23.49
CA SER A 168 13.83 -52.61 -24.86
C SER A 168 12.56 -51.77 -24.96
N ILE A 169 11.60 -51.97 -24.06
CA ILE A 169 10.35 -51.20 -24.14
C ILE A 169 10.58 -49.76 -23.67
N ASN A 170 11.58 -49.51 -22.82
CA ASN A 170 11.72 -48.21 -22.17
C ASN A 170 11.96 -47.07 -23.16
N CYS A 171 13.08 -47.09 -23.88
CA CYS A 171 13.55 -45.92 -24.60
C CYS A 171 13.04 -45.80 -26.03
N SER A 172 12.54 -46.87 -26.63
CA SER A 172 12.02 -46.80 -28.00
C SER A 172 10.72 -47.57 -28.04
N LEU A 173 9.74 -47.02 -28.75
CA LEU A 173 8.37 -47.52 -28.69
C LEU A 173 7.67 -47.23 -30.01
N THR A 174 6.34 -47.38 -29.99
CA THR A 174 5.55 -47.46 -31.22
C THR A 174 5.14 -46.10 -31.77
N TYR A 175 4.20 -46.16 -32.70
CA TYR A 175 3.65 -45.10 -33.52
C TYR A 175 2.31 -44.61 -32.98
N GLU A 176 1.61 -43.81 -33.80
CA GLU A 176 0.33 -43.24 -33.37
C GLU A 176 -0.84 -44.20 -33.54
N GLN A 177 -0.80 -45.10 -34.53
CA GLN A 177 -1.91 -46.04 -34.72
C GLN A 177 -2.11 -46.97 -33.52
N LEU A 178 -1.02 -47.49 -32.96
CA LEU A 178 -1.15 -48.30 -31.76
C LEU A 178 -1.53 -47.44 -30.56
N SER A 179 -1.11 -46.19 -30.54
CA SER A 179 -1.53 -45.29 -29.47
C SER A 179 -3.02 -45.05 -29.50
N GLN A 180 -3.61 -44.91 -30.68
CA GLN A 180 -5.06 -44.82 -30.76
C GLN A 180 -5.73 -46.15 -30.41
N PHE A 181 -5.07 -47.27 -30.72
CA PHE A 181 -5.63 -48.57 -30.34
C PHE A 181 -5.65 -48.77 -28.83
N VAL A 182 -4.73 -48.10 -28.12
CA VAL A 182 -4.75 -48.16 -26.66
C VAL A 182 -6.04 -47.57 -26.11
N SER A 183 -6.63 -46.61 -26.81
CA SER A 183 -7.84 -45.92 -26.39
C SER A 183 -9.10 -46.74 -26.62
N LEU A 184 -8.95 -48.07 -26.67
CA LEU A 184 -10.11 -48.96 -26.81
C LEU A 184 -11.09 -48.79 -25.66
N SER A 185 -10.58 -48.51 -24.45
CA SER A 185 -11.41 -48.24 -23.29
C SER A 185 -11.29 -46.77 -22.90
N GLN A 186 -12.15 -46.37 -21.97
CA GLN A 186 -12.21 -44.98 -21.50
C GLN A 186 -11.17 -44.76 -20.41
N LYS A 187 -10.98 -45.75 -19.53
CA LYS A 187 -10.00 -45.59 -18.46
C LYS A 187 -8.58 -45.54 -19.02
N HIS A 188 -8.35 -46.14 -20.20
CA HIS A 188 -7.04 -46.00 -20.83
C HIS A 188 -6.73 -44.55 -21.16
N ASN A 189 -7.69 -43.88 -21.81
CA ASN A 189 -7.56 -42.46 -22.12
C ASN A 189 -7.49 -41.59 -20.88
N GLU A 190 -8.20 -41.98 -19.82
CA GLU A 190 -8.14 -41.21 -18.58
C GLU A 190 -6.78 -41.34 -17.92
N LEU A 191 -6.20 -42.55 -17.94
CA LEU A 191 -4.88 -42.75 -17.35
C LEU A 191 -3.81 -42.03 -18.13
N ALA A 192 -3.90 -42.02 -19.46
CA ALA A 192 -2.91 -41.31 -20.25
C ALA A 192 -3.00 -39.79 -20.04
N LEU A 193 -4.22 -39.25 -19.99
CA LEU A 193 -4.35 -37.83 -19.75
C LEU A 193 -3.80 -37.45 -18.38
N THR A 194 -4.08 -38.26 -17.36
CA THR A 194 -3.58 -37.93 -16.03
C THR A 194 -2.06 -38.08 -15.95
N PHE A 195 -1.47 -39.06 -16.64
CA PHE A 195 -0.03 -39.20 -16.57
C PHE A 195 0.65 -37.98 -17.17
N THR A 196 0.23 -37.59 -18.39
CA THR A 196 0.81 -36.39 -19.00
C THR A 196 0.52 -35.14 -18.17
N GLU A 197 -0.65 -35.09 -17.52
CA GLU A 197 -1.00 -33.92 -16.72
C GLU A 197 -0.10 -33.81 -15.50
N VAL A 198 0.11 -34.92 -14.79
CA VAL A 198 0.91 -34.88 -13.59
C VAL A 198 2.36 -34.58 -13.95
N ILE A 199 2.85 -35.18 -15.04
CA ILE A 199 4.21 -34.90 -15.49
C ILE A 199 4.37 -33.42 -15.80
N VAL A 200 3.40 -32.82 -16.48
CA VAL A 200 3.50 -31.41 -16.83
C VAL A 200 3.42 -30.52 -15.59
N GLU A 201 2.47 -30.79 -14.69
CA GLU A 201 2.34 -29.97 -13.48
C GLU A 201 3.59 -30.09 -12.60
N ASP A 202 4.20 -31.28 -12.58
CA ASP A 202 5.42 -31.46 -11.82
C ASP A 202 6.60 -30.77 -12.50
N LEU A 203 6.69 -30.84 -13.82
CA LEU A 203 7.74 -30.10 -14.51
C LEU A 203 7.56 -28.60 -14.29
N THR A 204 6.31 -28.16 -14.13
CA THR A 204 6.02 -26.76 -13.81
C THR A 204 6.48 -26.42 -12.39
N LYS A 205 6.18 -27.28 -11.44
CA LYS A 205 6.60 -27.06 -10.06
C LYS A 205 8.12 -27.10 -9.92
N PHE A 206 8.78 -28.01 -10.63
CA PHE A 206 10.23 -28.12 -10.60
C PHE A 206 10.90 -26.93 -11.28
N GLN A 207 10.31 -26.42 -12.36
CA GLN A 207 10.86 -25.25 -13.03
C GLN A 207 10.69 -24.00 -12.18
N THR A 208 9.54 -23.88 -11.50
CA THR A 208 9.26 -22.73 -10.64
C THR A 208 10.13 -22.74 -9.38
N LYS A 209 10.43 -23.93 -8.84
CA LYS A 209 11.25 -24.01 -7.63
C LYS A 209 12.64 -23.45 -7.87
N ARG A 210 13.37 -24.04 -8.80
CA ARG A 210 14.72 -23.60 -9.12
C ARG A 210 14.95 -23.85 -10.60
N HIS A 211 15.68 -22.95 -11.25
CA HIS A 211 15.86 -23.00 -12.69
C HIS A 211 17.24 -23.58 -12.98
N SER A 212 17.31 -24.91 -13.00
CA SER A 212 18.48 -25.63 -13.48
C SER A 212 18.12 -26.54 -14.64
N MET A 213 16.94 -26.34 -15.24
CA MET A 213 16.40 -27.26 -16.23
C MET A 213 17.06 -27.02 -17.58
N SER A 214 16.57 -26.02 -18.32
CA SER A 214 17.24 -25.48 -19.50
C SER A 214 17.39 -26.46 -20.66
N GLN A 215 17.37 -27.77 -20.40
CA GLN A 215 17.51 -28.73 -21.50
C GLN A 215 16.47 -29.82 -21.41
N ILE A 216 15.97 -30.10 -20.19
CA ILE A 216 14.92 -31.10 -20.07
C ILE A 216 13.67 -30.62 -20.82
N HIS A 217 13.46 -29.31 -20.88
CA HIS A 217 12.35 -28.75 -21.65
C HIS A 217 12.51 -29.13 -23.13
N GLU A 218 13.73 -29.14 -23.63
CA GLU A 218 13.98 -29.58 -25.00
C GLU A 218 13.62 -31.05 -25.20
N VAL A 219 13.92 -31.89 -24.21
CA VAL A 219 13.57 -33.30 -24.29
C VAL A 219 12.06 -33.48 -24.32
N VAL A 220 11.34 -32.76 -23.46
CA VAL A 220 9.89 -32.79 -23.50
C VAL A 220 9.38 -32.24 -24.82
N HIS A 221 10.09 -31.27 -25.39
CA HIS A 221 9.67 -30.64 -26.64
C HIS A 221 9.83 -31.60 -27.81
N GLU A 222 10.80 -32.51 -27.75
CA GLU A 222 11.12 -33.39 -28.86
C GLU A 222 10.34 -34.71 -28.84
N HIS A 223 9.96 -35.20 -27.67
CA HIS A 223 9.25 -36.46 -27.57
C HIS A 223 7.90 -36.34 -26.87
N LEU A 224 7.87 -35.81 -25.64
CA LEU A 224 6.62 -35.78 -24.89
C LEU A 224 5.63 -34.79 -25.48
N TYR A 225 6.14 -33.67 -26.01
CA TYR A 225 5.26 -32.67 -26.59
C TYR A 225 4.49 -33.22 -27.77
N ILE A 226 5.13 -34.05 -28.60
CA ILE A 226 4.47 -34.62 -29.77
C ILE A 226 3.37 -35.59 -29.34
N SER A 227 3.68 -36.45 -28.36
CA SER A 227 2.71 -37.45 -27.92
C SER A 227 1.53 -36.79 -27.24
N THR A 228 1.79 -35.74 -26.45
CA THR A 228 0.72 -35.06 -25.75
C THR A 228 -0.17 -34.28 -26.72
N MET A 229 0.45 -33.65 -27.73
CA MET A 229 -0.34 -32.90 -28.70
C MET A 229 -1.21 -33.85 -29.53
N ALA A 230 -0.65 -35.00 -29.93
CA ALA A 230 -1.43 -35.97 -30.68
C ALA A 230 -2.55 -36.58 -29.85
N LEU A 231 -2.33 -36.77 -28.55
CA LEU A 231 -3.38 -37.34 -27.71
C LEU A 231 -4.49 -36.33 -27.44
N ILE A 232 -4.12 -35.07 -27.17
CA ILE A 232 -5.14 -34.07 -26.91
C ILE A 232 -5.96 -33.82 -28.16
N ASN A 233 -5.29 -33.66 -29.31
CA ASN A 233 -6.04 -33.48 -30.55
C ASN A 233 -6.89 -34.69 -30.89
N LEU A 234 -6.46 -35.90 -30.53
CA LEU A 234 -7.32 -37.07 -30.73
C LEU A 234 -8.56 -37.01 -29.86
N ASN A 235 -8.41 -36.56 -28.61
CA ASN A 235 -9.58 -36.41 -27.74
C ASN A 235 -10.52 -35.32 -28.23
N LEU A 236 -9.99 -34.28 -28.88
CA LEU A 236 -10.81 -33.17 -29.35
C LEU A 236 -11.53 -33.49 -30.66
N THR A 237 -10.85 -34.17 -31.60
CA THR A 237 -11.48 -34.42 -32.90
C THR A 237 -12.45 -35.58 -32.86
N ALA A 238 -12.02 -36.71 -32.27
CA ALA A 238 -12.86 -37.89 -32.24
C ALA A 238 -13.90 -37.79 -31.15
N GLN A 239 -15.14 -38.18 -31.47
CA GLN A 239 -16.24 -38.08 -30.52
C GLN A 239 -16.20 -39.19 -29.47
N ALA A 240 -15.96 -40.43 -29.91
CA ALA A 240 -15.94 -41.55 -28.98
C ALA A 240 -14.75 -41.48 -28.03
N VAL A 241 -13.60 -41.01 -28.52
CA VAL A 241 -12.40 -40.91 -27.68
C VAL A 241 -12.42 -39.72 -26.72
N PHE A 242 -13.33 -38.76 -26.90
CA PHE A 242 -13.38 -37.57 -26.06
C PHE A 242 -13.69 -37.91 -24.60
N ASN A 243 -12.92 -37.31 -23.68
CA ASN A 243 -13.15 -37.46 -22.25
C ASN A 243 -12.89 -36.09 -21.63
N PRO A 244 -13.75 -35.63 -20.72
CA PRO A 244 -13.57 -34.29 -20.14
C PRO A 244 -12.29 -34.09 -19.33
N THR A 245 -11.59 -35.17 -18.95
CA THR A 245 -10.36 -34.98 -18.18
C THR A 245 -9.30 -34.25 -18.98
N VAL A 246 -9.37 -34.34 -20.30
CA VAL A 246 -8.37 -33.71 -21.15
C VAL A 246 -8.40 -32.21 -20.96
N PHE A 247 -9.55 -31.66 -20.58
CA PHE A 247 -9.62 -30.22 -20.37
C PHE A 247 -8.68 -29.80 -19.25
N ASP A 248 -8.74 -30.52 -18.13
CA ASP A 248 -7.84 -30.26 -17.02
C ASP A 248 -6.39 -30.55 -17.38
N CYS A 249 -6.15 -31.39 -18.39
CA CYS A 249 -4.78 -31.64 -18.81
C CYS A 249 -4.28 -30.53 -19.73
N ILE A 250 -5.16 -30.00 -20.59
CA ILE A 250 -4.76 -28.92 -21.48
C ILE A 250 -4.28 -27.70 -20.71
N THR A 251 -5.05 -27.29 -19.69
CA THR A 251 -4.64 -26.14 -18.92
C THR A 251 -3.26 -26.36 -18.31
N ALA A 252 -3.00 -27.59 -17.84
CA ALA A 252 -1.68 -27.87 -17.27
C ALA A 252 -0.59 -27.67 -18.30
N TRP A 253 -0.76 -28.23 -19.50
CA TRP A 253 0.25 -28.03 -20.52
C TRP A 253 0.41 -26.55 -20.85
N ILE A 254 -0.70 -25.83 -20.95
CA ILE A 254 -0.59 -24.41 -21.29
C ILE A 254 0.21 -23.67 -20.23
N ASN A 255 0.01 -24.02 -18.97
CA ASN A 255 0.75 -23.35 -17.91
C ASN A 255 2.24 -23.59 -18.04
N TYR A 256 2.64 -24.83 -18.32
CA TYR A 256 4.05 -25.12 -18.48
C TYR A 256 4.63 -24.39 -19.68
N ILE A 257 3.84 -24.25 -20.74
CA ILE A 257 4.33 -23.56 -21.93
C ILE A 257 4.45 -22.08 -21.63
N SER A 258 3.54 -21.55 -20.81
CA SER A 258 3.59 -20.14 -20.48
C SER A 258 4.83 -19.80 -19.69
N LEU A 259 5.48 -20.79 -19.08
CA LEU A 259 6.67 -20.54 -18.30
C LEU A 259 7.96 -20.60 -19.11
N THR A 260 7.94 -21.17 -20.32
CA THR A 260 9.18 -21.39 -21.04
C THR A 260 9.35 -20.48 -22.25
N ARG A 261 8.50 -20.61 -23.26
CA ARG A 261 8.62 -19.78 -24.47
C ARG A 261 7.22 -19.36 -24.94
N ARG A 268 9.96 -23.44 -30.22
CA ARG A 268 8.61 -22.92 -30.42
C ARG A 268 7.58 -24.06 -30.43
N MET A 269 6.68 -24.03 -29.45
CA MET A 269 5.55 -24.96 -29.35
C MET A 269 4.27 -24.34 -29.89
N ASP A 270 3.61 -25.04 -30.82
CA ASP A 270 2.55 -24.47 -31.64
C ASP A 270 1.27 -24.16 -30.86
N LEU A 271 0.54 -25.20 -30.43
CA LEU A 271 -0.76 -25.09 -29.75
C LEU A 271 -1.88 -24.43 -30.56
N SER A 272 -1.65 -24.10 -31.83
CA SER A 272 -2.67 -23.39 -32.61
C SER A 272 -3.88 -24.27 -32.92
N GLU A 273 -3.64 -25.50 -33.36
CA GLU A 273 -4.74 -26.39 -33.67
C GLU A 273 -5.52 -26.80 -32.42
N ILE A 274 -4.86 -26.88 -31.26
CA ILE A 274 -5.57 -27.17 -30.02
C ILE A 274 -6.59 -26.09 -29.70
N PHE A 275 -6.18 -24.82 -29.81
CA PHE A 275 -7.10 -23.71 -29.59
C PHE A 275 -8.22 -23.71 -30.63
N GLN A 276 -7.90 -24.05 -31.87
CA GLN A 276 -8.91 -24.07 -32.91
C GLN A 276 -9.99 -25.11 -32.63
N ASN A 277 -9.57 -26.32 -32.28
CA ASN A 277 -10.53 -27.37 -31.98
C ASN A 277 -11.28 -27.12 -30.67
N LEU A 278 -10.66 -26.42 -29.72
CA LEU A 278 -11.39 -26.05 -28.52
C LEU A 278 -12.47 -25.03 -28.83
N ILE A 279 -12.21 -24.12 -29.77
CA ILE A 279 -13.24 -23.17 -30.19
C ILE A 279 -14.37 -23.90 -30.90
N ASP A 280 -14.03 -24.87 -31.76
CA ASP A 280 -15.08 -25.62 -32.45
C ASP A 280 -15.92 -26.42 -31.46
N LEU A 281 -15.30 -26.98 -30.43
CA LEU A 281 -16.06 -27.74 -29.45
C LEU A 281 -16.94 -26.82 -28.62
N MET A 282 -16.43 -25.65 -28.23
CA MET A 282 -17.26 -24.73 -27.45
C MET A 282 -18.46 -24.27 -28.27
N TYR A 283 -18.26 -24.01 -29.57
CA TYR A 283 -19.40 -23.59 -30.37
C TYR A 283 -20.39 -24.74 -30.55
N GLN A 284 -19.89 -25.98 -30.63
CA GLN A 284 -20.80 -27.12 -30.74
C GLN A 284 -21.44 -27.47 -29.41
N SER A 285 -20.83 -27.06 -28.29
CA SER A 285 -21.39 -27.37 -26.99
C SER A 285 -22.56 -26.43 -26.79
N THR A 286 -23.77 -26.98 -26.74
CA THR A 286 -24.97 -26.19 -26.55
C THR A 286 -25.71 -26.71 -25.33
N GLU A 287 -26.90 -26.15 -25.09
CA GLU A 287 -27.69 -26.58 -23.94
C GLU A 287 -28.25 -27.97 -24.16
N GLY A 288 -28.75 -28.25 -25.37
CA GLY A 288 -29.34 -29.53 -25.68
C GLY A 288 -28.31 -30.62 -25.89
N SER A 289 -27.17 -30.23 -26.48
CA SER A 289 -26.12 -31.17 -26.82
C SER A 289 -25.24 -31.54 -25.63
N ASP A 290 -24.54 -30.56 -25.05
CA ASP A 290 -23.60 -30.79 -23.96
C ASP A 290 -24.06 -30.24 -22.61
N GLY A 291 -25.11 -29.43 -22.57
CA GLY A 291 -25.51 -28.77 -21.34
C GLY A 291 -24.57 -27.67 -20.93
N TYR A 292 -23.79 -27.14 -21.88
CA TYR A 292 -22.81 -26.08 -21.66
C TYR A 292 -21.75 -26.46 -20.62
N GLU A 293 -21.42 -27.75 -20.49
CA GLU A 293 -20.35 -28.17 -19.59
C GLU A 293 -18.99 -28.02 -20.27
N ASN A 294 -18.85 -28.56 -21.48
CA ASN A 294 -17.61 -28.40 -22.21
C ASN A 294 -17.37 -26.93 -22.55
N ALA A 295 -18.43 -26.20 -22.86
CA ALA A 295 -18.25 -24.77 -23.10
C ALA A 295 -17.73 -24.05 -21.87
N GLU A 296 -18.18 -24.47 -20.68
CA GLU A 296 -17.69 -23.85 -19.46
C GLU A 296 -16.22 -24.17 -19.22
N LYS A 297 -15.82 -25.44 -19.42
CA LYS A 297 -14.44 -25.79 -19.18
C LYS A 297 -13.50 -25.16 -20.21
N ILE A 298 -13.92 -25.13 -21.48
CA ILE A 298 -13.09 -24.51 -22.51
C ILE A 298 -12.99 -23.01 -22.28
N LEU A 299 -14.10 -22.39 -21.84
CA LEU A 299 -14.06 -20.97 -21.49
C LEU A 299 -13.16 -20.71 -20.29
N THR A 300 -13.07 -21.66 -19.36
CA THR A 300 -12.13 -21.50 -18.25
C THR A 300 -10.70 -21.56 -18.76
N ILE A 301 -10.45 -22.43 -19.75
CA ILE A 301 -9.12 -22.51 -20.35
C ILE A 301 -8.78 -21.20 -21.06
N PHE A 302 -9.71 -20.70 -21.89
CA PHE A 302 -9.46 -19.44 -22.58
C PHE A 302 -9.34 -18.26 -21.61
N GLY A 303 -10.13 -18.25 -20.53
CA GLY A 303 -9.98 -17.21 -19.53
C GLY A 303 -8.62 -17.23 -18.87
N ASN A 304 -8.07 -18.44 -18.69
CA ASN A 304 -6.73 -18.56 -18.12
C ASN A 304 -5.68 -18.06 -19.11
N VAL A 305 -5.88 -18.36 -20.39
CA VAL A 305 -4.91 -17.92 -21.39
C VAL A 305 -4.93 -16.40 -21.48
N PHE A 306 -6.11 -15.82 -21.63
CA PHE A 306 -6.23 -14.37 -21.79
C PHE A 306 -5.78 -13.62 -20.53
N ALA A 307 -5.99 -14.20 -19.35
CA ALA A 307 -5.67 -13.52 -18.10
C ALA A 307 -4.20 -13.67 -17.71
N ASN A 308 -3.49 -14.67 -18.24
CA ASN A 308 -2.11 -14.90 -17.83
C ASN A 308 -1.13 -14.63 -18.96
N ASP A 309 -1.26 -15.34 -20.08
CA ASP A 309 -0.37 -15.19 -21.23
C ASP A 309 -1.32 -15.12 -22.43
N PRO A 310 -1.91 -13.95 -22.69
CA PRO A 310 -2.87 -13.84 -23.80
C PRO A 310 -2.21 -13.93 -25.16
N LEU A 311 -0.93 -13.60 -25.26
CA LEU A 311 -0.18 -13.67 -26.49
C LEU A 311 0.03 -15.10 -26.96
N LEU A 312 -0.31 -16.08 -26.12
CA LEU A 312 -0.20 -17.48 -26.49
C LEU A 312 -1.15 -17.88 -27.61
N MET A 313 -2.25 -17.14 -27.80
CA MET A 313 -3.19 -17.40 -28.87
C MET A 313 -2.90 -16.50 -30.07
N SER A 314 -2.95 -17.09 -31.26
CA SER A 314 -2.64 -16.35 -32.48
C SER A 314 -3.78 -15.38 -32.81
N TYR A 315 -3.51 -14.54 -33.81
CA TYR A 315 -4.47 -13.50 -34.21
C TYR A 315 -5.74 -14.08 -34.82
N ASP A 316 -5.63 -15.19 -35.57
CA ASP A 316 -6.80 -15.76 -36.22
C ASP A 316 -7.79 -16.32 -35.21
N LEU A 317 -7.29 -17.04 -34.20
CA LEU A 317 -8.19 -17.58 -33.19
C LEU A 317 -8.81 -16.47 -32.35
N ARG A 318 -8.07 -15.39 -32.09
CA ARG A 318 -8.67 -14.28 -31.39
C ARG A 318 -9.74 -13.59 -32.24
N GLN A 319 -9.59 -13.58 -33.56
CA GLN A 319 -10.66 -13.04 -34.39
C GLN A 319 -11.90 -13.93 -34.34
N GLN A 320 -11.69 -15.25 -34.28
CA GLN A 320 -12.83 -16.15 -34.14
C GLN A 320 -13.51 -16.00 -32.78
N ILE A 321 -12.71 -15.75 -31.73
CA ILE A 321 -13.29 -15.50 -30.42
C ILE A 321 -14.11 -14.21 -30.44
N GLU A 322 -13.63 -13.22 -31.19
CA GLU A 322 -14.37 -11.97 -31.30
C GLU A 322 -15.70 -12.18 -32.02
N CYS A 323 -15.68 -12.98 -33.10
CA CYS A 323 -16.90 -13.26 -33.86
C CYS A 323 -17.87 -14.15 -33.11
N ILE A 324 -17.38 -14.93 -32.14
CA ILE A 324 -18.26 -15.79 -31.36
C ILE A 324 -18.89 -15.03 -30.21
N PHE A 325 -18.10 -14.20 -29.51
CA PHE A 325 -18.63 -13.46 -28.36
C PHE A 325 -19.62 -12.37 -28.78
N LEU A 326 -19.29 -11.60 -29.81
CA LEU A 326 -20.09 -10.44 -30.17
C LEU A 326 -21.04 -10.68 -31.32
N GLY A 327 -21.06 -11.86 -31.93
CA GLY A 327 -21.96 -12.13 -33.03
C GLY A 327 -21.68 -11.38 -34.31
N ASN A 342 -30.26 -15.43 -31.00
CA ASN A 342 -29.67 -15.23 -32.31
C ASN A 342 -28.24 -15.75 -32.32
N SER A 343 -27.31 -14.96 -31.79
CA SER A 343 -25.93 -15.40 -31.72
C SER A 343 -25.81 -16.45 -30.63
N TRP A 344 -24.75 -17.27 -30.73
CA TRP A 344 -24.55 -18.33 -29.74
C TRP A 344 -24.21 -17.75 -28.37
N MET A 345 -23.43 -16.66 -28.34
CA MET A 345 -23.02 -16.06 -27.08
C MET A 345 -24.23 -15.50 -26.32
N LEU A 346 -25.20 -14.92 -27.04
CA LEU A 346 -26.40 -14.43 -26.37
C LEU A 346 -27.21 -15.58 -25.79
N GLN A 347 -27.22 -16.73 -26.46
CA GLN A 347 -27.94 -17.88 -25.93
C GLN A 347 -27.28 -18.42 -24.67
N TYR A 348 -25.94 -18.45 -24.64
CA TYR A 348 -25.26 -18.93 -23.44
C TYR A 348 -25.44 -17.96 -22.28
N MET A 349 -25.41 -16.65 -22.56
CA MET A 349 -25.65 -15.67 -21.51
C MET A 349 -27.06 -15.77 -20.96
N ASN A 350 -28.05 -15.94 -21.83
CA ASN A 350 -29.42 -16.13 -21.35
C ASN A 350 -29.57 -17.44 -20.56
N TYR A 351 -28.81 -18.47 -20.93
CA TYR A 351 -28.87 -19.72 -20.15
C TYR A 351 -28.31 -19.51 -18.76
N LEU A 352 -27.26 -18.70 -18.64
CA LEU A 352 -26.67 -18.42 -17.33
C LEU A 352 -27.54 -17.48 -16.50
N VAL A 353 -28.24 -16.55 -17.15
CA VAL A 353 -29.05 -15.57 -16.44
C VAL A 353 -30.34 -16.20 -15.92
N THR A 354 -31.02 -16.98 -16.78
CA THR A 354 -32.29 -17.58 -16.38
C THR A 354 -32.11 -18.58 -15.23
N ASN A 355 -30.98 -19.28 -15.16
CA ASN A 355 -30.69 -20.22 -14.09
C ASN A 355 -30.09 -19.57 -12.83
N ASP A 356 -29.90 -18.24 -12.79
CA ASP A 356 -29.35 -17.56 -11.59
C ASP A 356 -27.98 -18.09 -11.22
N PHE A 357 -27.11 -18.19 -12.23
CA PHE A 357 -25.71 -18.58 -12.07
C PHE A 357 -24.82 -17.35 -12.12
N PHE A 358 -24.57 -16.73 -10.96
CA PHE A 358 -23.81 -15.49 -10.93
C PHE A 358 -22.30 -15.73 -10.95
N SER A 359 -21.83 -16.85 -10.39
CA SER A 359 -20.41 -17.16 -10.41
C SER A 359 -19.91 -17.48 -11.82
N GLU A 360 -20.66 -18.32 -12.55
CA GLU A 360 -20.29 -18.64 -13.93
C GLU A 360 -20.40 -17.43 -14.84
N LEU A 361 -21.38 -16.55 -14.60
CA LEU A 361 -21.47 -15.32 -15.36
C LEU A 361 -20.30 -14.40 -15.04
N LYS A 362 -19.83 -14.44 -13.79
CA LYS A 362 -18.65 -13.67 -13.42
C LYS A 362 -17.42 -14.18 -14.16
N GLU A 363 -17.26 -15.51 -14.24
CA GLU A 363 -16.13 -16.03 -15.00
C GLU A 363 -16.22 -15.69 -16.48
N LEU A 364 -17.44 -15.66 -17.02
CA LEU A 364 -17.63 -15.26 -18.41
C LEU A 364 -17.24 -13.82 -18.65
N ALA A 365 -17.63 -12.94 -17.72
CA ALA A 365 -17.25 -11.53 -17.86
C ALA A 365 -15.75 -11.35 -17.76
N ILE A 366 -15.09 -12.13 -16.89
CA ILE A 366 -13.64 -12.02 -16.75
C ILE A 366 -12.96 -12.45 -18.04
N CYS A 367 -13.44 -13.53 -18.65
CA CYS A 367 -12.81 -14.02 -19.86
C CYS A 367 -13.01 -13.05 -21.03
N ILE A 368 -14.22 -12.53 -21.18
CA ILE A 368 -14.47 -11.62 -22.30
C ILE A 368 -13.68 -10.32 -22.14
N VAL A 369 -13.64 -9.78 -20.92
CA VAL A 369 -12.92 -8.53 -20.72
C VAL A 369 -11.41 -8.73 -20.94
N ASP A 370 -10.85 -9.81 -20.39
CA ASP A 370 -9.42 -10.06 -20.61
C ASP A 370 -9.11 -10.28 -22.09
N PHE A 371 -10.09 -10.80 -22.84
CA PHE A 371 -9.89 -10.96 -24.29
C PHE A 371 -9.95 -9.61 -25.01
N LEU A 372 -10.89 -8.76 -24.64
CA LEU A 372 -11.05 -7.47 -25.30
C LEU A 372 -9.98 -6.45 -24.92
N GLN A 373 -9.32 -6.63 -23.78
CA GLN A 373 -8.30 -5.65 -23.38
C GLN A 373 -7.04 -5.71 -24.23
N ILE A 374 -6.76 -6.83 -24.90
CA ILE A 374 -5.56 -6.87 -25.71
C ILE A 374 -5.76 -6.23 -27.07
N ASN A 375 -7.01 -6.05 -27.50
CA ASN A 375 -7.33 -5.37 -28.75
C ASN A 375 -7.77 -3.95 -28.46
N THR A 376 -6.98 -2.98 -28.88
CA THR A 376 -7.28 -1.59 -28.56
C THR A 376 -6.82 -0.71 -29.72
N LEU A 377 -5.58 -0.92 -30.16
CA LEU A 377 -5.02 -0.11 -31.23
C LEU A 377 -5.73 -0.36 -32.56
N SER A 378 -6.21 -1.58 -32.82
CA SER A 378 -6.90 -1.82 -34.08
C SER A 378 -8.27 -1.16 -34.09
N VAL A 379 -9.02 -1.26 -32.98
CA VAL A 379 -10.32 -0.62 -32.92
C VAL A 379 -10.17 0.90 -32.89
N CYS A 380 -9.20 1.38 -32.11
CA CYS A 380 -9.00 2.82 -32.01
C CYS A 380 -8.56 3.39 -33.35
N ASN A 381 -7.73 2.65 -34.09
CA ASN A 381 -7.33 3.13 -35.40
C ASN A 381 -8.48 3.10 -36.39
N LYS A 382 -9.15 1.95 -36.55
CA LYS A 382 -10.26 1.91 -37.50
C LYS A 382 -11.43 2.81 -37.10
N LEU A 383 -11.40 3.37 -35.88
CA LEU A 383 -12.44 4.29 -35.44
C LEU A 383 -12.00 5.73 -35.66
N PHE A 384 -10.91 6.13 -35.02
CA PHE A 384 -10.50 7.51 -34.89
C PHE A 384 -9.33 7.94 -35.76
N THR A 385 -8.65 7.02 -36.45
CA THR A 385 -7.58 7.39 -37.36
C THR A 385 -7.90 6.88 -38.75
N ASN A 386 -7.54 7.66 -39.76
CA ASN A 386 -7.87 7.31 -41.14
C ASN A 386 -6.80 6.45 -41.80
N ILE A 387 -5.83 5.96 -41.04
CA ILE A 387 -4.76 5.15 -41.62
C ILE A 387 -5.09 3.66 -41.49
N VAL A 395 -16.82 1.17 -46.28
CA VAL A 395 -17.42 -0.12 -45.95
C VAL A 395 -17.08 -0.50 -44.52
N GLN A 396 -15.89 -0.10 -44.07
CA GLN A 396 -15.47 -0.44 -42.71
C GLN A 396 -16.17 0.42 -41.67
N ASP A 397 -16.65 1.61 -42.05
CA ASP A 397 -17.25 2.51 -41.06
C ASP A 397 -18.55 1.94 -40.50
N GLU A 398 -19.50 1.57 -41.37
CA GLU A 398 -20.76 1.00 -40.88
C GLU A 398 -20.55 -0.32 -40.14
N TYR A 399 -19.47 -1.04 -40.46
CA TYR A 399 -19.13 -2.25 -39.72
C TYR A 399 -18.60 -1.93 -38.33
N ILE A 400 -17.78 -0.89 -38.19
CA ILE A 400 -17.25 -0.60 -36.86
C ILE A 400 -18.25 0.23 -36.06
N GLN A 401 -19.18 0.94 -36.72
CA GLN A 401 -20.28 1.58 -36.02
C GLN A 401 -21.22 0.54 -35.40
N GLU A 402 -21.55 -0.53 -36.15
CA GLU A 402 -22.31 -1.61 -35.54
C GLU A 402 -21.49 -2.36 -34.51
N TYR A 403 -20.17 -2.43 -34.71
CA TYR A 403 -19.27 -3.07 -33.75
C TYR A 403 -19.33 -2.35 -32.40
N ILE A 404 -19.18 -1.02 -32.43
CA ILE A 404 -19.26 -0.24 -31.19
C ILE A 404 -20.68 -0.27 -30.63
N LYS A 405 -21.69 -0.29 -31.49
CA LYS A 405 -23.07 -0.34 -31.00
C LYS A 405 -23.34 -1.62 -30.21
N VAL A 406 -22.87 -2.76 -30.72
CA VAL A 406 -23.04 -4.01 -29.99
C VAL A 406 -22.19 -4.01 -28.72
N LEU A 407 -20.98 -3.45 -28.79
CA LEU A 407 -20.15 -3.38 -27.59
C LEU A 407 -20.77 -2.47 -26.51
N LEU A 408 -21.47 -1.40 -26.92
CA LEU A 408 -22.17 -0.56 -25.95
C LEU A 408 -23.42 -1.24 -25.38
N GLN A 409 -24.11 -2.02 -26.21
CA GLN A 409 -25.24 -2.79 -25.70
C GLN A 409 -24.79 -3.82 -24.69
N MET A 410 -23.63 -4.44 -24.92
CA MET A 410 -23.04 -5.36 -23.96
C MET A 410 -22.50 -4.62 -22.73
N THR A 411 -22.05 -3.38 -22.91
CA THR A 411 -21.61 -2.58 -21.77
C THR A 411 -22.76 -2.27 -20.83
N ASN A 412 -23.95 -2.01 -21.39
CA ASN A 412 -25.12 -1.73 -20.56
C ASN A 412 -25.53 -2.97 -19.76
N PHE A 413 -25.96 -4.03 -20.45
CA PHE A 413 -26.17 -5.35 -19.87
C PHE A 413 -27.10 -5.36 -18.65
N PRO A 414 -28.39 -5.63 -18.87
CA PRO A 414 -29.36 -5.77 -17.77
C PRO A 414 -28.92 -6.77 -16.71
N LEU A 415 -29.62 -6.79 -15.56
CA LEU A 415 -29.17 -7.38 -14.28
C LEU A 415 -28.22 -6.46 -13.52
N THR A 416 -28.72 -5.86 -12.43
CA THR A 416 -27.98 -4.95 -11.57
C THR A 416 -26.59 -5.51 -11.24
N PRO A 417 -25.60 -4.64 -11.02
CA PRO A 417 -24.21 -5.11 -10.83
C PRO A 417 -23.97 -5.85 -9.53
N VAL A 418 -22.68 -6.03 -9.21
CA VAL A 418 -22.13 -6.88 -8.16
C VAL A 418 -23.06 -8.01 -7.72
N LEU A 419 -24.27 -7.64 -7.27
CA LEU A 419 -25.25 -8.63 -6.82
C LEU A 419 -25.44 -9.72 -7.86
N GLN A 420 -25.48 -9.33 -9.13
CA GLN A 420 -25.71 -10.26 -10.23
C GLN A 420 -24.55 -10.29 -11.22
N GLU A 421 -24.18 -9.16 -11.81
CA GLU A 421 -23.20 -9.13 -12.90
C GLU A 421 -21.97 -8.32 -12.54
N PHE A 422 -20.86 -8.66 -13.22
CA PHE A 422 -19.57 -8.00 -13.10
C PHE A 422 -19.08 -7.44 -14.43
N PHE A 423 -19.95 -7.36 -15.44
CA PHE A 423 -19.56 -6.85 -16.75
C PHE A 423 -19.09 -5.40 -16.68
N SER A 424 -19.85 -4.53 -16.03
CA SER A 424 -19.43 -3.13 -15.91
C SER A 424 -18.17 -2.99 -15.07
N VAL A 425 -18.00 -3.86 -14.07
CA VAL A 425 -16.84 -3.78 -13.18
C VAL A 425 -15.55 -4.05 -13.96
N ARG A 426 -15.55 -5.06 -14.82
CA ARG A 426 -14.35 -5.33 -15.58
C ARG A 426 -14.22 -4.41 -16.79
N MET A 427 -15.35 -3.95 -17.35
CA MET A 427 -15.32 -3.01 -18.47
C MET A 427 -14.75 -1.65 -18.11
N VAL A 428 -14.76 -1.27 -16.83
CA VAL A 428 -14.18 0.02 -16.45
C VAL A 428 -12.70 0.11 -16.85
N ASP A 429 -11.93 -0.95 -16.61
CA ASP A 429 -10.51 -0.94 -16.96
C ASP A 429 -10.33 -0.87 -18.48
N PHE A 430 -11.26 -1.44 -19.22
CA PHE A 430 -11.18 -1.39 -20.67
C PHE A 430 -11.40 0.04 -21.14
N TRP A 431 -12.46 0.69 -20.65
CA TRP A 431 -12.69 2.07 -21.06
C TRP A 431 -11.57 2.99 -20.59
N LEU A 432 -10.90 2.67 -19.48
CA LEU A 432 -9.75 3.47 -19.08
C LEU A 432 -8.62 3.31 -20.10
N ASP A 433 -8.39 2.09 -20.58
CA ASP A 433 -7.35 1.90 -21.59
C ASP A 433 -7.73 2.57 -22.90
N LEU A 434 -9.03 2.56 -23.27
CA LEU A 434 -9.45 3.22 -24.50
C LEU A 434 -9.34 4.75 -24.39
N SER A 435 -9.66 5.30 -23.22
CA SER A 435 -9.53 6.75 -23.03
C SER A 435 -8.07 7.18 -23.07
N ASP A 436 -7.19 6.43 -22.40
CA ASP A 436 -5.77 6.75 -22.44
C ASP A 436 -5.18 6.51 -23.82
N ALA A 437 -5.70 5.53 -24.56
CA ALA A 437 -5.22 5.29 -25.90
C ALA A 437 -5.64 6.42 -26.84
N TYR A 438 -6.87 6.91 -26.72
CA TYR A 438 -7.30 8.03 -27.54
C TYR A 438 -6.56 9.31 -27.17
N THR A 439 -6.30 9.51 -25.87
CA THR A 439 -5.55 10.68 -25.45
C THR A 439 -4.09 10.58 -25.85
N ASN A 440 -3.56 9.38 -26.00
CA ASN A 440 -2.16 9.20 -26.38
C ASN A 440 -1.98 9.24 -27.89
N LEU A 441 -3.07 9.39 -28.63
CA LEU A 441 -3.00 9.43 -30.08
C LEU A 441 -2.36 10.73 -30.52
N ALA A 442 -1.72 10.69 -31.67
CA ALA A 442 -1.07 11.87 -32.22
C ALA A 442 -2.10 12.86 -32.74
N SER A 443 -1.74 14.14 -32.66
CA SER A 443 -2.65 15.22 -33.02
C SER A 443 -2.95 15.21 -34.51
N GLU A 444 -1.93 14.95 -35.32
CA GLU A 444 -2.02 14.97 -36.78
C GLU A 444 -2.69 13.73 -37.37
N THR A 445 -2.94 12.69 -36.58
CA THR A 445 -3.53 11.44 -37.05
C THR A 445 -5.04 11.29 -36.83
N LEU A 446 -5.72 12.28 -36.27
CA LEU A 446 -7.14 12.13 -36.01
C LEU A 446 -7.98 12.13 -37.29
N ARG A 447 -9.10 11.39 -37.25
CA ARG A 447 -10.07 11.31 -38.31
C ARG A 447 -10.88 12.61 -38.41
N PRO A 448 -11.49 12.88 -39.59
CA PRO A 448 -12.37 14.06 -39.67
C PRO A 448 -13.56 13.98 -38.72
N ASN A 449 -14.17 12.81 -38.55
CA ASN A 449 -15.29 12.63 -37.63
C ASN A 449 -14.84 12.02 -36.31
N SER A 450 -13.56 12.18 -35.94
CA SER A 450 -13.08 11.56 -34.71
C SER A 450 -13.70 12.17 -33.46
N ILE A 451 -13.70 13.49 -33.35
CA ILE A 451 -14.25 14.13 -32.15
C ILE A 451 -15.75 13.91 -32.04
N GLU A 452 -16.47 13.90 -33.15
CA GLU A 452 -17.92 13.69 -33.07
C GLU A 452 -18.25 12.24 -32.68
N LEU A 453 -17.58 11.27 -33.30
CA LEU A 453 -17.85 9.88 -32.98
C LEU A 453 -17.41 9.56 -31.55
N SER A 454 -16.27 10.11 -31.11
CA SER A 454 -15.82 9.90 -29.74
C SER A 454 -16.78 10.52 -28.74
N THR A 455 -17.26 11.73 -29.02
CA THR A 455 -18.20 12.38 -28.11
C THR A 455 -19.49 11.58 -28.03
N GLN A 456 -19.98 11.08 -29.16
CA GLN A 456 -21.21 10.31 -29.19
C GLN A 456 -21.06 9.02 -28.41
N ILE A 457 -19.97 8.30 -28.65
CA ILE A 457 -19.76 7.01 -27.99
C ILE A 457 -19.62 7.20 -26.48
N PHE A 458 -18.78 8.16 -26.08
CA PHE A 458 -18.52 8.32 -24.66
C PHE A 458 -19.71 8.94 -23.92
N GLN A 459 -20.57 9.69 -24.64
CA GLN A 459 -21.79 10.18 -24.00
C GLN A 459 -22.81 9.05 -23.83
N GLN A 460 -22.86 8.13 -24.78
CA GLN A 460 -23.69 6.94 -24.55
C GLN A 460 -23.16 6.13 -23.38
N LEU A 461 -21.84 6.12 -23.21
CA LEU A 461 -21.24 5.50 -22.03
C LEU A 461 -21.67 6.18 -20.75
N ILE A 462 -21.72 7.51 -20.76
CA ILE A 462 -22.17 8.23 -19.57
C ILE A 462 -23.63 7.91 -19.25
N ASN A 463 -24.48 7.91 -20.28
CA ASN A 463 -25.89 7.58 -20.08
C ASN A 463 -26.11 6.13 -19.68
N ILE A 464 -25.15 5.25 -19.92
CA ILE A 464 -25.27 3.84 -19.54
C ILE A 464 -24.76 3.60 -18.12
N TYR A 465 -23.59 4.15 -17.80
CA TYR A 465 -22.96 3.87 -16.52
C TYR A 465 -23.52 4.71 -15.38
N LEU A 466 -24.25 5.79 -15.69
CA LEU A 466 -24.84 6.59 -14.62
C LEU A 466 -25.92 5.85 -13.84
N PRO A 467 -26.90 5.17 -14.46
CA PRO A 467 -27.81 4.31 -13.68
C PRO A 467 -27.17 3.06 -13.10
N LYS A 468 -25.97 2.68 -13.55
CA LYS A 468 -25.32 1.48 -13.03
C LYS A 468 -24.79 1.70 -11.62
N ILE A 469 -24.20 2.87 -11.37
CA ILE A 469 -23.62 3.19 -10.07
C ILE A 469 -24.65 3.89 -9.19
N SER A 470 -25.92 3.82 -9.59
CA SER A 470 -26.97 4.43 -8.78
C SER A 470 -27.02 3.77 -7.41
N LEU A 471 -27.26 4.58 -6.37
CA LEU A 471 -27.30 4.08 -5.01
C LEU A 471 -28.45 3.12 -4.73
N SER A 472 -29.42 3.00 -5.65
CA SER A 472 -30.46 1.99 -5.49
C SER A 472 -29.87 0.59 -5.57
N VAL A 473 -28.79 0.43 -6.32
CA VAL A 473 -28.10 -0.85 -6.40
C VAL A 473 -27.51 -1.22 -5.04
N LYS A 474 -26.78 -0.28 -4.43
CA LYS A 474 -26.26 -0.57 -3.10
C LYS A 474 -27.39 -0.78 -2.10
N GLN A 475 -28.51 -0.10 -2.27
CA GLN A 475 -29.64 -0.33 -1.38
C GLN A 475 -30.15 -1.76 -1.51
N ARG A 476 -30.28 -2.26 -2.74
CA ARG A 476 -30.73 -3.63 -2.92
C ARG A 476 -29.68 -4.64 -2.48
N ILE A 477 -28.40 -4.26 -2.56
CA ILE A 477 -27.35 -5.17 -2.10
C ILE A 477 -27.43 -5.32 -0.59
N ILE A 478 -27.58 -4.21 0.13
CA ILE A 478 -27.68 -4.28 1.59
C ILE A 478 -29.01 -4.93 1.98
N GLU A 479 -30.04 -4.83 1.14
CA GLU A 479 -31.31 -5.45 1.47
C GLU A 479 -31.23 -6.96 1.28
N GLU A 480 -30.67 -7.42 0.16
CA GLU A 480 -30.65 -8.85 -0.11
C GLU A 480 -29.49 -9.53 0.59
N GLU A 481 -28.28 -9.03 0.39
CA GLU A 481 -27.08 -9.66 0.94
C GLU A 481 -26.58 -9.04 2.23
N GLY A 482 -27.14 -7.91 2.66
CA GLY A 482 -26.65 -7.37 3.92
C GLY A 482 -25.27 -6.74 3.80
N GLU A 483 -24.50 -6.88 4.89
CA GLU A 483 -23.15 -6.33 4.98
C GLU A 483 -22.14 -7.39 4.54
N SER A 484 -22.21 -7.75 3.27
CA SER A 484 -21.30 -8.75 2.73
C SER A 484 -20.17 -8.07 1.95
N THR A 485 -19.29 -8.88 1.36
CA THR A 485 -18.21 -8.32 0.55
C THR A 485 -18.69 -7.71 -0.76
N SER A 486 -19.93 -7.99 -1.17
CA SER A 486 -20.46 -7.38 -2.39
C SER A 486 -20.60 -5.86 -2.25
N VAL A 487 -20.83 -5.37 -1.03
CA VAL A 487 -20.89 -3.93 -0.81
C VAL A 487 -19.50 -3.32 -1.03
N ASN A 488 -18.47 -4.03 -0.57
CA ASN A 488 -17.10 -3.59 -0.77
C ASN A 488 -16.71 -3.61 -2.24
N GLU A 489 -17.20 -4.61 -2.97
CA GLU A 489 -16.93 -4.64 -4.40
C GLU A 489 -17.68 -3.53 -5.11
N PHE A 490 -18.83 -3.12 -4.57
CA PHE A 490 -19.56 -2.00 -5.14
C PHE A 490 -18.84 -0.69 -4.88
N GLU A 491 -18.21 -0.54 -3.71
CA GLU A 491 -17.41 0.65 -3.46
C GLU A 491 -16.19 0.72 -4.38
N ASP A 492 -15.53 -0.42 -4.62
CA ASP A 492 -14.44 -0.43 -5.60
C ASP A 492 -14.93 -0.15 -7.02
N PHE A 493 -16.16 -0.56 -7.33
CA PHE A 493 -16.73 -0.25 -8.64
C PHE A 493 -17.00 1.24 -8.80
N ARG A 494 -17.49 1.88 -7.75
CA ARG A 494 -17.72 3.32 -7.81
C ARG A 494 -16.40 4.09 -7.93
N ASN A 495 -15.36 3.66 -7.21
CA ASN A 495 -14.07 4.35 -7.35
C ASN A 495 -13.51 4.17 -8.77
N ALA A 496 -13.74 3.00 -9.38
CA ALA A 496 -13.27 2.79 -10.74
C ALA A 496 -14.02 3.65 -11.74
N VAL A 497 -15.34 3.81 -11.56
CA VAL A 497 -16.08 4.69 -12.48
C VAL A 497 -15.70 6.16 -12.25
N SER A 498 -15.38 6.54 -11.02
CA SER A 498 -14.93 7.92 -10.78
C SER A 498 -13.62 8.21 -11.52
N ASP A 499 -12.67 7.27 -11.48
CA ASP A 499 -11.46 7.48 -12.26
C ASP A 499 -11.72 7.42 -13.76
N LEU A 500 -12.75 6.66 -14.17
CA LEU A 500 -13.13 6.63 -15.58
C LEU A 500 -13.61 8.01 -16.02
N ALA A 501 -14.39 8.67 -15.19
CA ALA A 501 -14.88 10.01 -15.55
C ALA A 501 -13.73 11.01 -15.57
N GLN A 502 -12.77 10.85 -14.65
CA GLN A 502 -11.62 11.75 -14.66
C GLN A 502 -10.81 11.60 -15.94
N SER A 503 -10.77 10.40 -16.51
CA SER A 503 -10.09 10.23 -17.79
C SER A 503 -10.95 10.63 -18.98
N LEU A 504 -12.28 10.55 -18.86
CA LEU A 504 -13.21 10.90 -19.94
C LEU A 504 -13.38 12.41 -20.10
N TRP A 505 -13.10 13.18 -19.05
CA TRP A 505 -13.27 14.63 -19.12
C TRP A 505 -12.34 15.27 -20.15
N SER A 506 -11.17 14.69 -20.40
CA SER A 506 -10.23 15.19 -21.41
C SER A 506 -10.76 15.04 -22.83
N ILE A 507 -11.90 14.37 -22.99
CA ILE A 507 -12.52 14.17 -24.30
C ILE A 507 -13.85 14.90 -24.38
N LEU A 508 -14.73 14.69 -23.40
CA LEU A 508 -16.03 15.35 -23.42
C LEU A 508 -15.96 16.84 -23.09
N GLY A 509 -15.03 17.29 -22.23
CA GLY A 509 -14.98 18.70 -21.88
C GLY A 509 -15.95 19.02 -20.75
N ASN A 510 -16.09 20.32 -20.48
CA ASN A 510 -16.97 20.76 -19.39
C ASN A 510 -18.43 20.73 -19.78
N ASP A 511 -18.76 21.11 -21.03
CA ASP A 511 -20.14 21.25 -21.47
C ASP A 511 -20.80 19.91 -21.77
N ASN A 512 -20.02 18.89 -22.13
CA ASN A 512 -20.54 17.57 -22.47
C ASN A 512 -20.50 16.61 -21.30
N LEU A 513 -19.78 16.94 -20.22
CA LEU A 513 -19.73 16.08 -19.04
C LEU A 513 -20.19 16.81 -17.79
N THR A 514 -19.60 17.96 -17.47
CA THR A 514 -19.92 18.68 -16.25
C THR A 514 -21.26 19.40 -16.38
N ASN A 515 -21.45 20.15 -17.47
CA ASN A 515 -22.70 20.88 -17.65
C ASN A 515 -23.89 19.95 -17.81
N VAL A 516 -23.68 18.69 -18.19
CA VAL A 516 -24.81 17.76 -18.25
C VAL A 516 -25.31 17.46 -16.84
N LEU A 517 -24.38 17.29 -15.90
CA LEU A 517 -24.77 17.02 -14.52
C LEU A 517 -25.36 18.28 -13.88
N ILE A 518 -24.74 19.43 -14.13
CA ILE A 518 -25.21 20.67 -13.53
C ILE A 518 -26.60 21.01 -14.05
N ASP A 519 -26.79 20.96 -15.36
CA ASP A 519 -28.12 21.25 -15.89
C ASP A 519 -29.12 20.17 -15.50
N GLY A 520 -28.65 18.96 -15.20
CA GLY A 520 -29.56 17.92 -14.75
C GLY A 520 -30.10 18.16 -13.35
N MET A 521 -29.26 18.70 -12.48
CA MET A 521 -29.66 18.94 -11.10
C MET A 521 -29.88 20.41 -10.73
N GLY A 522 -29.75 21.33 -11.68
CA GLY A 522 -29.86 22.73 -11.36
C GLY A 522 -31.08 23.44 -11.91
N GLN A 523 -31.69 22.84 -12.93
CA GLN A 523 -32.84 23.42 -13.60
C GLN A 523 -34.16 22.91 -13.06
N MET A 524 -34.14 21.93 -12.16
CA MET A 524 -35.35 21.38 -11.57
C MET A 524 -35.19 21.28 -10.06
N PRO A 525 -36.22 21.66 -9.30
CA PRO A 525 -36.13 21.55 -7.83
C PRO A 525 -36.31 20.11 -7.37
N ALA A 526 -35.39 19.67 -6.50
CA ALA A 526 -35.52 18.33 -5.94
C ALA A 526 -36.57 18.29 -4.84
N ALA A 527 -36.79 19.41 -4.17
CA ALA A 527 -37.76 19.52 -3.08
C ALA A 527 -38.54 20.81 -3.29
N SER A 528 -39.83 20.70 -3.60
CA SER A 528 -40.64 21.90 -3.76
C SER A 528 -41.08 22.45 -2.41
N ASP A 529 -41.38 21.56 -1.46
CA ASP A 529 -41.75 21.95 -0.11
C ASP A 529 -40.52 22.44 0.66
N GLU A 530 -40.77 23.30 1.65
CA GLU A 530 -39.73 23.89 2.48
C GLU A 530 -39.01 22.80 3.29
N THR A 531 -37.94 23.23 3.96
CA THR A 531 -37.01 22.41 4.72
C THR A 531 -36.24 21.46 3.81
N LEU A 532 -36.53 21.52 2.50
CA LEU A 532 -35.79 20.79 1.48
C LEU A 532 -35.85 19.28 1.77
N ILE A 533 -37.07 18.77 1.69
CA ILE A 533 -37.35 17.34 1.79
C ILE A 533 -37.75 16.89 0.41
N ILE A 534 -37.01 15.93 -0.13
CA ILE A 534 -37.20 15.54 -1.53
C ILE A 534 -38.47 14.71 -1.66
N LYS A 535 -38.77 13.88 -0.67
CA LYS A 535 -39.97 13.04 -0.60
C LYS A 535 -40.04 12.01 -1.71
N ASP A 536 -39.11 12.07 -2.66
CA ASP A 536 -39.13 11.22 -3.84
C ASP A 536 -37.83 10.43 -3.91
N THR A 537 -37.95 9.13 -4.16
CA THR A 537 -36.81 8.23 -4.13
C THR A 537 -36.06 8.23 -5.46
N ASP A 538 -36.79 8.32 -6.57
CA ASP A 538 -36.17 8.25 -7.88
C ASP A 538 -35.24 9.43 -8.11
N VAL A 539 -35.75 10.64 -7.88
CA VAL A 539 -34.94 11.83 -8.06
C VAL A 539 -33.86 11.91 -7.00
N LEU A 540 -34.10 11.36 -5.81
CA LEU A 540 -33.06 11.34 -4.77
C LEU A 540 -31.87 10.47 -5.17
N PHE A 541 -32.14 9.29 -5.72
CA PHE A 541 -31.03 8.46 -6.22
C PHE A 541 -30.34 9.10 -7.41
N ARG A 542 -31.12 9.75 -8.29
CA ARG A 542 -30.52 10.40 -9.44
C ARG A 542 -29.62 11.55 -9.00
N ILE A 543 -30.06 12.32 -8.02
CA ILE A 543 -29.27 13.46 -7.59
C ILE A 543 -28.07 13.03 -6.73
N GLU A 544 -28.15 11.89 -6.03
CA GLU A 544 -26.95 11.47 -5.30
C GLU A 544 -25.88 10.99 -6.28
N THR A 545 -26.31 10.31 -7.35
CA THR A 545 -25.36 9.92 -8.39
C THR A 545 -24.74 11.15 -9.06
N MET A 546 -25.58 12.15 -9.38
CA MET A 546 -25.04 13.36 -10.00
C MET A 546 -24.11 14.13 -9.07
N CYS A 547 -24.38 14.16 -7.76
CA CYS A 547 -23.49 14.86 -6.84
C CYS A 547 -22.16 14.14 -6.70
N PHE A 548 -22.17 12.80 -6.74
CA PHE A 548 -20.92 12.06 -6.61
C PHE A 548 -20.03 12.25 -7.84
N VAL A 549 -20.63 12.15 -9.02
CA VAL A 549 -19.84 12.33 -10.23
C VAL A 549 -19.36 13.76 -10.36
N LEU A 550 -20.23 14.73 -10.06
CA LEU A 550 -19.84 16.13 -10.13
C LEU A 550 -18.71 16.45 -9.15
N ASN A 551 -18.71 15.82 -7.97
CA ASN A 551 -17.62 16.07 -7.02
C ASN A 551 -16.30 15.55 -7.55
N THR A 552 -16.28 14.30 -8.01
CA THR A 552 -15.02 13.77 -8.50
C THR A 552 -14.53 14.52 -9.74
N ILE A 553 -15.43 15.16 -10.50
CA ILE A 553 -14.96 15.93 -11.64
C ILE A 553 -14.45 17.30 -11.21
N LEU A 554 -15.14 17.94 -10.25
CA LEU A 554 -14.77 19.28 -9.79
C LEU A 554 -13.53 19.32 -8.91
N VAL A 555 -13.13 18.21 -8.28
CA VAL A 555 -11.90 18.22 -7.49
C VAL A 555 -10.68 18.52 -8.36
N ASP A 556 -10.64 17.98 -9.58
CA ASP A 556 -9.56 18.19 -10.53
C ASP A 556 -9.52 19.61 -11.12
N MET A 557 -10.38 20.53 -10.70
CA MET A 557 -10.44 21.87 -11.28
C MET A 557 -9.91 22.92 -10.31
N THR A 558 -9.96 24.18 -10.76
CA THR A 558 -9.63 25.34 -9.94
C THR A 558 -10.76 26.35 -10.15
N LEU A 559 -11.64 26.45 -9.15
CA LEU A 559 -12.86 27.23 -9.23
C LEU A 559 -12.62 28.73 -9.05
N SER A 560 -11.36 29.14 -8.86
CA SER A 560 -11.00 30.54 -8.73
C SER A 560 -10.67 31.18 -10.08
N GLU A 561 -9.84 30.51 -10.88
CA GLU A 561 -9.48 31.03 -12.20
C GLU A 561 -10.57 30.87 -13.24
N SER A 562 -11.70 30.24 -12.91
CA SER A 562 -12.68 29.91 -13.93
C SER A 562 -13.90 30.80 -13.79
N PRO A 563 -14.22 31.63 -14.79
CA PRO A 563 -15.50 32.34 -14.81
C PRO A 563 -16.62 31.46 -15.37
N TRP A 564 -16.27 30.33 -15.96
CA TRP A 564 -17.27 29.44 -16.54
C TRP A 564 -18.21 28.88 -15.48
N ILE A 565 -17.69 28.58 -14.29
CA ILE A 565 -18.51 28.02 -13.21
C ILE A 565 -19.57 29.01 -12.76
N LYS A 566 -19.25 30.31 -12.82
CA LYS A 566 -20.25 31.31 -12.45
C LYS A 566 -21.32 31.40 -13.53
N ASN A 567 -20.94 31.17 -14.79
CA ASN A 567 -21.92 31.25 -15.87
C ASN A 567 -22.86 30.05 -15.81
N ILE A 568 -22.32 28.86 -15.52
CA ILE A 568 -23.15 27.65 -15.51
C ILE A 568 -24.02 27.57 -14.26
N VAL A 569 -23.57 28.08 -13.11
CA VAL A 569 -24.43 27.99 -11.92
C VAL A 569 -25.54 29.02 -11.97
N ASP A 570 -25.24 30.23 -12.45
CA ASP A 570 -26.27 31.26 -12.56
C ASP A 570 -27.35 30.90 -13.56
N ALA A 571 -27.07 30.02 -14.52
CA ALA A 571 -28.12 29.54 -15.41
C ALA A 571 -28.96 28.42 -14.81
N ASN A 572 -28.66 28.01 -13.58
CA ASN A 572 -29.40 26.95 -12.87
C ASN A 572 -29.90 27.51 -11.53
N LYS A 573 -31.22 27.64 -11.40
CA LYS A 573 -31.80 28.23 -10.20
C LYS A 573 -31.72 27.28 -9.00
N PHE A 574 -31.98 25.99 -9.22
CA PHE A 574 -32.10 25.02 -8.13
C PHE A 574 -30.82 24.22 -7.87
N PHE A 575 -29.68 24.63 -8.40
CA PHE A 575 -28.45 23.86 -8.20
C PHE A 575 -28.08 23.81 -6.72
N ASN A 576 -27.81 24.97 -6.12
CA ASN A 576 -27.43 25.00 -4.72
C ASN A 576 -28.56 24.50 -3.83
N GLN A 577 -29.81 24.77 -4.22
CA GLN A 577 -30.95 24.28 -3.46
C GLN A 577 -31.01 22.76 -3.49
N ASN A 578 -30.67 22.15 -4.62
CA ASN A 578 -30.70 20.69 -4.70
C ASN A 578 -29.52 20.06 -3.96
N VAL A 579 -28.36 20.72 -3.94
CA VAL A 579 -27.24 20.18 -3.17
C VAL A 579 -27.58 20.19 -1.69
N ILE A 580 -28.14 21.31 -1.23
CA ILE A 580 -28.58 21.37 0.17
C ILE A 580 -29.76 20.44 0.40
N SER A 581 -30.56 20.18 -0.62
CA SER A 581 -31.65 19.22 -0.47
C SER A 581 -31.10 17.82 -0.21
N VAL A 582 -30.00 17.47 -0.86
CA VAL A 582 -29.39 16.16 -0.60
C VAL A 582 -28.84 16.11 0.82
N PHE A 583 -28.16 17.19 1.25
CA PHE A 583 -27.60 17.18 2.59
C PHE A 583 -28.68 17.12 3.67
N GLN A 584 -29.71 17.94 3.53
CA GLN A 584 -30.74 18.00 4.57
C GLN A 584 -31.63 16.75 4.56
N THR A 585 -31.90 16.19 3.38
CA THR A 585 -32.70 14.98 3.29
C THR A 585 -31.97 13.81 3.92
N GLY A 586 -30.68 13.67 3.64
CA GLY A 586 -29.93 12.56 4.23
C GLY A 586 -29.68 12.75 5.72
N PHE A 587 -29.42 14.00 6.14
CA PHE A 587 -29.13 14.27 7.54
C PHE A 587 -30.36 14.14 8.43
N GLN A 588 -31.52 14.58 7.95
CA GLN A 588 -32.73 14.50 8.77
C GLN A 588 -33.41 13.15 8.65
N THR A 589 -32.81 12.22 7.91
CA THR A 589 -33.35 10.88 7.75
C THR A 589 -33.15 10.06 9.02
N SER A 590 -34.25 9.52 9.54
CA SER A 590 -34.20 8.69 10.73
C SER A 590 -33.61 7.33 10.39
N ALA A 591 -32.59 6.92 11.15
CA ALA A 591 -31.92 5.65 10.91
C ALA A 591 -32.70 4.60 11.67
N SER A 592 -33.47 3.81 10.92
CA SER A 592 -34.27 2.75 11.51
C SER A 592 -33.53 1.42 11.52
N THR A 593 -33.16 0.94 10.33
CA THR A 593 -32.39 -0.28 10.20
C THR A 593 -30.92 0.10 10.09
N LYS A 594 -30.06 -0.89 9.91
CA LYS A 594 -28.65 -0.57 9.70
C LYS A 594 -28.46 -0.04 8.29
N VAL A 595 -29.34 -0.47 7.37
CA VAL A 595 -29.28 0.00 6.00
C VAL A 595 -29.58 1.50 5.94
N SER A 596 -30.65 1.95 6.61
CA SER A 596 -30.96 3.38 6.60
C SER A 596 -29.88 4.20 7.31
N GLN A 597 -29.19 3.60 8.28
CA GLN A 597 -28.13 4.34 8.97
C GLN A 597 -26.92 4.50 8.06
N ILE A 598 -26.52 3.42 7.38
CA ILE A 598 -25.36 3.48 6.51
C ILE A 598 -25.65 4.36 5.30
N LEU A 599 -26.85 4.26 4.74
CA LEU A 599 -27.18 5.15 3.62
C LEU A 599 -27.20 6.61 4.08
N LYS A 600 -27.65 6.88 5.32
CA LYS A 600 -27.59 8.23 5.85
C LYS A 600 -26.16 8.75 5.91
N LEU A 601 -25.24 7.90 6.38
CA LEU A 601 -23.82 8.28 6.41
C LEU A 601 -23.24 8.47 5.02
N ASP A 602 -23.74 7.70 4.04
CA ASP A 602 -23.19 7.83 2.69
C ASP A 602 -23.64 9.14 2.05
N PHE A 603 -24.91 9.50 2.24
CA PHE A 603 -25.42 10.75 1.70
C PHE A 603 -24.71 11.94 2.35
N VAL A 604 -24.49 11.89 3.67
CA VAL A 604 -23.78 12.99 4.31
C VAL A 604 -22.34 13.06 3.82
N ARG A 605 -21.70 11.92 3.56
CA ARG A 605 -20.32 11.94 3.09
C ARG A 605 -20.23 12.59 1.71
N THR A 606 -21.10 12.18 0.80
CA THR A 606 -21.08 12.75 -0.55
C THR A 606 -21.41 14.23 -0.54
N SER A 607 -22.39 14.64 0.27
CA SER A 607 -22.76 16.04 0.29
C SER A 607 -21.63 16.90 0.85
N THR A 608 -21.08 16.52 2.01
CA THR A 608 -20.01 17.32 2.61
C THR A 608 -18.77 17.35 1.71
N THR A 609 -18.52 16.29 0.92
CA THR A 609 -17.37 16.32 0.02
C THR A 609 -17.58 17.29 -1.13
N LEU A 610 -18.79 17.29 -1.73
CA LEU A 610 -19.01 18.21 -2.84
C LEU A 610 -18.98 19.66 -2.34
N ILE A 611 -19.54 19.89 -1.16
CA ILE A 611 -19.52 21.24 -0.59
C ILE A 611 -18.09 21.68 -0.32
N GLY A 612 -17.24 20.76 0.14
CA GLY A 612 -15.84 21.08 0.34
C GLY A 612 -15.10 21.37 -0.94
N THR A 613 -15.51 20.76 -2.05
CA THR A 613 -14.85 21.03 -3.33
C THR A 613 -15.24 22.40 -3.90
N LEU A 614 -16.47 22.87 -3.67
CA LEU A 614 -16.97 24.19 -4.17
C LEU A 614 -16.38 25.56 -3.46
N ALA A 615 -15.35 25.61 -2.61
CA ALA A 615 -14.92 26.88 -2.00
C ALA A 615 -14.41 27.93 -3.00
N GLY A 616 -13.78 27.52 -4.10
CA GLY A 616 -13.35 28.51 -5.08
C GLY A 616 -14.52 29.20 -5.76
N TYR A 617 -15.56 28.45 -6.09
CA TYR A 617 -16.73 29.08 -6.65
C TYR A 617 -17.41 29.96 -5.62
N PHE A 618 -17.37 29.55 -4.35
CA PHE A 618 -17.94 30.43 -3.33
C PHE A 618 -17.18 31.73 -3.22
N LYS A 619 -15.87 31.70 -3.49
CA LYS A 619 -15.15 32.96 -3.53
C LYS A 619 -15.54 33.76 -4.77
N GLN A 620 -15.90 33.06 -5.87
CA GLN A 620 -16.37 33.80 -7.04
C GLN A 620 -17.85 34.19 -6.98
N GLU A 621 -18.67 33.52 -6.16
CA GLU A 621 -20.10 33.83 -6.09
C GLU A 621 -20.58 33.81 -4.64
N PRO A 622 -20.35 34.89 -3.91
CA PRO A 622 -20.63 34.87 -2.47
C PRO A 622 -22.10 34.80 -2.12
N PHE A 623 -23.01 35.36 -2.94
CA PHE A 623 -24.40 35.38 -2.50
C PHE A 623 -25.06 34.00 -2.52
N GLN A 624 -24.50 33.02 -3.22
CA GLN A 624 -25.01 31.66 -3.15
C GLN A 624 -24.42 30.88 -1.97
N LEU A 625 -23.49 31.50 -1.23
CA LEU A 625 -22.82 30.88 -0.09
C LEU A 625 -23.68 30.90 1.17
N ASN A 626 -24.57 31.88 1.31
CA ASN A 626 -25.38 32.00 2.53
C ASN A 626 -26.27 30.78 2.78
N PRO A 627 -27.00 30.24 1.79
CA PRO A 627 -27.84 29.07 2.09
C PRO A 627 -27.03 27.87 2.53
N TYR A 628 -25.76 27.80 2.12
CA TYR A 628 -24.94 26.66 2.50
C TYR A 628 -24.51 26.80 3.94
N VAL A 629 -24.04 27.98 4.33
CA VAL A 629 -23.60 28.18 5.69
C VAL A 629 -24.76 27.93 6.65
N GLU A 630 -25.94 28.47 6.34
CA GLU A 630 -27.09 28.25 7.22
C GLU A 630 -27.52 26.78 7.27
N ALA A 631 -27.57 26.09 6.12
CA ALA A 631 -27.95 24.68 6.12
C ALA A 631 -26.93 23.80 6.84
N LEU A 632 -25.66 24.17 6.73
CA LEU A 632 -24.59 23.43 7.37
C LEU A 632 -24.66 23.63 8.86
N PHE A 633 -24.81 24.87 9.32
CA PHE A 633 -24.85 25.08 10.76
C PHE A 633 -26.15 24.53 11.38
N GLN A 634 -27.26 24.48 10.64
CA GLN A 634 -28.45 23.82 11.17
C GLN A 634 -28.20 22.33 11.40
N GLY A 635 -27.62 21.64 10.41
CA GLY A 635 -27.24 20.25 10.63
C GLY A 635 -26.12 20.07 11.63
N LEU A 636 -25.16 20.99 11.64
CA LEU A 636 -24.06 20.99 12.58
C LEU A 636 -24.51 21.12 14.03
N HIS A 637 -25.56 21.92 14.29
CA HIS A 637 -26.13 21.97 15.63
C HIS A 637 -26.96 20.72 15.92
N THR A 638 -27.66 20.18 14.91
CA THR A 638 -28.41 18.96 15.13
C THR A 638 -27.52 17.77 15.54
N CYS A 639 -26.30 17.69 15.02
CA CYS A 639 -25.37 16.61 15.35
C CYS A 639 -24.40 16.98 16.47
N THR A 640 -24.65 18.08 17.17
CA THR A 640 -23.76 18.54 18.23
C THR A 640 -24.51 18.47 19.55
N ASN A 641 -25.65 19.15 19.65
CA ASN A 641 -26.41 19.28 20.89
C ASN A 641 -27.18 18.00 21.22
N PHE A 642 -27.16 16.99 20.36
CA PHE A 642 -27.84 15.72 20.64
C PHE A 642 -26.89 14.68 21.25
N THR A 643 -27.38 14.04 22.33
CA THR A 643 -26.65 13.06 23.12
C THR A 643 -27.28 11.66 23.06
N SER A 644 -28.30 11.49 22.23
CA SER A 644 -28.96 10.20 22.05
C SER A 644 -28.00 9.23 21.38
N LYS A 645 -27.65 8.15 22.08
CA LYS A 645 -26.69 7.16 21.60
C LYS A 645 -27.28 5.77 21.81
N ASN A 646 -27.62 5.08 20.71
CA ASN A 646 -28.20 3.75 20.84
C ASN A 646 -27.85 2.86 19.64
N GLU A 647 -26.71 2.20 19.72
CA GLU A 647 -25.72 2.48 20.75
C GLU A 647 -24.47 2.84 19.96
N GLN A 648 -24.21 2.05 18.91
CA GLN A 648 -23.14 2.35 17.97
C GLN A 648 -23.51 3.47 16.99
N GLU A 649 -24.63 4.15 17.21
CA GLU A 649 -25.03 5.29 16.40
C GLU A 649 -24.02 6.44 16.53
N LYS A 650 -23.30 6.49 17.65
CA LYS A 650 -22.38 7.59 17.93
C LYS A 650 -21.18 7.55 17.00
N ILE A 651 -20.81 6.37 16.50
CA ILE A 651 -19.68 6.33 15.58
C ILE A 651 -20.12 6.94 14.25
N SER A 652 -21.40 6.77 13.90
CA SER A 652 -21.95 7.49 12.76
C SER A 652 -22.15 8.98 13.05
N ASN A 653 -22.46 9.35 14.28
CA ASN A 653 -22.51 10.76 14.62
C ASN A 653 -21.13 11.39 14.49
N ASP A 654 -20.09 10.68 14.92
CA ASP A 654 -18.74 11.19 14.83
C ASP A 654 -18.28 11.26 13.38
N LYS A 655 -18.66 10.29 12.54
CA LYS A 655 -18.29 10.37 11.14
C LYS A 655 -18.97 11.57 10.46
N LEU A 656 -20.24 11.80 10.76
CA LEU A 656 -20.93 12.99 10.24
C LEU A 656 -20.32 14.29 10.77
N GLU A 657 -20.03 14.34 12.06
CA GLU A 657 -19.43 15.52 12.66
C GLU A 657 -18.04 15.81 12.12
N VAL A 658 -17.28 14.76 11.79
CA VAL A 658 -15.96 14.95 11.20
C VAL A 658 -16.07 15.49 9.79
N MET A 659 -16.98 14.92 8.98
CA MET A 659 -17.10 15.41 7.61
C MET A 659 -17.62 16.84 7.57
N VAL A 660 -18.49 17.20 8.53
CA VAL A 660 -19.00 18.57 8.57
C VAL A 660 -17.89 19.54 8.97
N ILE A 661 -17.15 19.21 10.03
CA ILE A 661 -16.09 20.13 10.45
C ILE A 661 -14.96 20.16 9.44
N LYS A 662 -14.80 19.10 8.63
CA LYS A 662 -13.80 19.10 7.56
C LYS A 662 -14.21 20.06 6.46
N THR A 663 -15.49 20.07 6.12
CA THR A 663 -15.96 21.00 5.11
C THR A 663 -15.82 22.44 5.63
N VAL A 664 -16.12 22.64 6.91
CA VAL A 664 -15.93 23.96 7.53
C VAL A 664 -14.46 24.37 7.50
N SER A 665 -13.54 23.43 7.70
CA SER A 665 -12.12 23.76 7.63
C SER A 665 -11.69 24.14 6.22
N THR A 666 -12.24 23.50 5.20
CA THR A 666 -11.86 23.87 3.84
C THR A 666 -12.41 25.23 3.47
N LEU A 667 -13.67 25.48 3.82
CA LEU A 667 -14.26 26.78 3.53
C LEU A 667 -13.56 27.89 4.27
N CYS A 668 -13.27 27.71 5.56
CA CYS A 668 -12.52 28.75 6.25
C CYS A 668 -11.13 28.90 5.68
N GLU A 669 -10.58 27.86 5.05
CA GLU A 669 -9.24 27.99 4.49
C GLU A 669 -9.22 28.84 3.22
N THR A 670 -10.24 28.70 2.37
CA THR A 670 -10.25 29.49 1.14
C THR A 670 -11.09 30.76 1.17
N CYS A 671 -12.28 30.73 1.77
CA CYS A 671 -13.21 31.86 1.82
C CYS A 671 -13.13 32.67 3.12
N ARG A 672 -11.92 32.94 3.61
CA ARG A 672 -11.74 33.72 4.83
C ARG A 672 -12.41 35.09 4.78
N GLU A 673 -12.30 35.80 3.64
CA GLU A 673 -12.84 37.16 3.56
C GLU A 673 -14.37 37.18 3.54
N GLU A 674 -14.97 36.23 2.83
CA GLU A 674 -16.43 36.23 2.66
C GLU A 674 -17.19 35.88 3.96
N LEU A 675 -16.57 35.13 4.86
CA LEU A 675 -17.18 34.67 6.11
C LEU A 675 -16.99 35.59 7.34
N THR A 676 -16.70 36.88 7.16
CA THR A 676 -16.55 37.76 8.32
C THR A 676 -17.80 37.97 9.20
N PRO A 677 -19.00 38.21 8.67
CA PRO A 677 -20.19 38.42 9.55
C PRO A 677 -20.64 37.32 10.53
N TYR A 678 -20.31 36.05 10.31
CA TYR A 678 -20.70 34.93 11.18
C TYR A 678 -19.86 34.66 12.43
N LEU A 679 -18.81 35.43 12.68
CA LEU A 679 -17.85 35.21 13.79
C LEU A 679 -18.45 35.36 15.22
N MET A 680 -19.22 36.44 15.44
CA MET A 680 -19.80 36.71 16.75
C MET A 680 -20.76 35.64 17.28
N HIS A 681 -21.47 34.93 16.40
CA HIS A 681 -22.37 33.87 16.89
C HIS A 681 -21.58 32.61 17.27
N PHE A 682 -20.54 32.33 16.50
CA PHE A 682 -19.74 31.13 16.65
C PHE A 682 -18.94 31.11 17.94
N ILE A 683 -18.32 32.23 18.32
CA ILE A 683 -17.55 32.16 19.57
C ILE A 683 -18.45 31.82 20.76
N SER A 684 -19.67 32.38 20.80
CA SER A 684 -20.64 32.01 21.84
C SER A 684 -21.05 30.54 21.78
N PHE A 685 -21.30 30.01 20.58
CA PHE A 685 -21.61 28.59 20.51
C PHE A 685 -20.43 27.74 20.97
N LEU A 686 -19.20 28.21 20.75
CA LEU A 686 -18.05 27.45 21.23
C LEU A 686 -18.01 27.50 22.75
N ASN A 687 -18.41 28.65 23.33
CA ASN A 687 -18.44 28.77 24.79
C ASN A 687 -19.42 27.79 25.39
N THR A 688 -20.45 27.43 24.62
CA THR A 688 -21.42 26.43 25.05
C THR A 688 -20.94 25.00 24.79
N VAL A 689 -20.00 24.82 23.85
CA VAL A 689 -19.50 23.49 23.53
C VAL A 689 -18.40 23.06 24.50
N ILE A 690 -17.55 23.99 24.92
CA ILE A 690 -16.41 23.74 25.80
C ILE A 690 -16.88 23.35 27.21
N MET A 691 -18.18 23.41 27.45
CA MET A 691 -18.71 23.02 28.75
C MET A 691 -18.37 21.57 29.06
N PRO A 692 -18.08 21.23 30.33
CA PRO A 692 -17.74 19.85 30.70
C PRO A 692 -18.90 18.87 30.48
N ASP A 693 -19.67 19.14 29.44
CA ASP A 693 -20.79 18.29 29.05
C ASP A 693 -21.09 18.64 27.59
N SER A 694 -20.61 17.80 26.69
CA SER A 694 -20.83 18.04 25.27
C SER A 694 -20.64 16.74 24.51
N ASN A 695 -21.12 16.73 23.28
CA ASN A 695 -21.04 15.57 22.41
C ASN A 695 -19.89 15.65 21.42
N VAL A 696 -19.09 16.68 21.51
CA VAL A 696 -17.99 16.78 20.57
C VAL A 696 -16.79 16.01 21.08
N SER A 697 -15.98 15.60 20.12
CA SER A 697 -14.73 14.92 20.36
C SER A 697 -13.68 15.99 20.59
N HIS A 698 -12.54 15.60 21.14
CA HIS A 698 -11.54 16.63 21.34
C HIS A 698 -11.01 17.07 19.99
N PHE A 699 -11.03 16.15 19.02
CA PHE A 699 -10.58 16.48 17.68
C PHE A 699 -11.54 17.49 17.04
N THR A 700 -12.86 17.31 17.23
CA THR A 700 -13.79 18.28 16.65
C THR A 700 -13.71 19.63 17.35
N ARG A 701 -13.38 19.66 18.65
CA ARG A 701 -13.18 20.93 19.33
C ARG A 701 -11.98 21.65 18.75
N THR A 702 -10.92 20.89 18.48
CA THR A 702 -9.69 21.47 17.95
C THR A 702 -9.90 22.00 16.54
N LYS A 703 -10.55 21.22 15.68
CA LYS A 703 -10.75 21.69 14.31
C LYS A 703 -11.75 22.84 14.26
N LEU A 704 -12.66 22.94 15.24
CA LEU A 704 -13.55 24.09 15.31
C LEU A 704 -12.77 25.36 15.67
N VAL A 705 -11.89 25.26 16.67
CA VAL A 705 -11.04 26.39 17.01
C VAL A 705 -10.15 26.78 15.84
N ARG A 706 -9.71 25.78 15.06
CA ARG A 706 -8.94 26.02 13.84
C ARG A 706 -9.75 26.74 12.76
N SER A 707 -11.04 26.43 12.65
CA SER A 707 -11.87 27.09 11.66
C SER A 707 -12.10 28.56 12.02
N ILE A 708 -12.40 28.82 13.30
CA ILE A 708 -12.57 30.22 13.70
C ILE A 708 -11.27 30.99 13.50
N GLY A 709 -10.13 30.37 13.86
CA GLY A 709 -8.87 31.06 13.62
C GLY A 709 -8.57 31.29 12.15
N TYR A 710 -9.06 30.40 11.28
CA TYR A 710 -8.90 30.63 9.84
C TYR A 710 -9.67 31.86 9.39
N VAL A 711 -10.86 32.07 9.96
CA VAL A 711 -11.63 33.24 9.57
C VAL A 711 -11.07 34.51 10.21
N VAL A 712 -10.57 34.39 11.44
CA VAL A 712 -9.98 35.51 12.16
C VAL A 712 -8.68 35.98 11.53
N GLN A 713 -7.94 35.09 10.86
CA GLN A 713 -6.65 35.48 10.31
C GLN A 713 -6.79 36.56 9.24
N CYS A 714 -7.88 36.56 8.50
CA CYS A 714 -8.15 37.53 7.44
C CYS A 714 -8.84 38.78 7.92
N GLN A 715 -8.91 38.99 9.23
CA GLN A 715 -9.54 40.18 9.79
C GLN A 715 -8.52 41.27 10.08
N VAL A 716 -7.57 41.43 9.17
CA VAL A 716 -6.48 42.39 9.29
C VAL A 716 -6.89 43.72 8.66
N SER A 717 -8.15 43.82 8.24
CA SER A 717 -8.60 45.05 7.58
C SER A 717 -8.67 46.21 8.57
N ASN A 718 -9.54 46.10 9.56
CA ASN A 718 -9.81 47.19 10.51
C ASN A 718 -8.61 47.51 11.43
N GLY A 719 -7.45 46.89 11.25
CA GLY A 719 -6.31 47.19 12.09
C GLY A 719 -6.09 46.07 13.08
N PRO A 720 -4.98 46.13 13.83
CA PRO A 720 -4.70 45.06 14.79
C PRO A 720 -5.63 45.10 16.00
N GLU A 721 -6.29 46.24 16.26
CA GLU A 721 -7.15 46.35 17.44
C GLU A 721 -8.45 45.57 17.25
N GLU A 722 -9.08 45.68 16.07
CA GLU A 722 -10.34 44.97 15.87
C GLU A 722 -10.12 43.47 15.80
N GLN A 723 -9.01 43.04 15.19
CA GLN A 723 -8.71 41.61 15.14
C GLN A 723 -8.30 41.12 16.51
N ALA A 724 -7.56 41.95 17.25
CA ALA A 724 -7.15 41.61 18.59
C ALA A 724 -8.31 41.53 19.56
N LYS A 725 -9.44 42.19 19.25
CA LYS A 725 -10.60 42.00 20.12
C LYS A 725 -11.06 40.55 20.12
N TYR A 726 -11.07 39.93 18.93
CA TYR A 726 -11.39 38.51 18.81
C TYR A 726 -10.29 37.64 19.42
N ILE A 727 -9.03 38.02 19.17
CA ILE A 727 -7.93 37.20 19.66
C ILE A 727 -7.90 37.19 21.19
N LEU A 728 -8.12 38.36 21.81
CA LEU A 728 -8.14 38.43 23.27
C LEU A 728 -9.35 37.71 23.84
N GLN A 729 -10.49 37.76 23.15
CA GLN A 729 -11.67 37.03 23.63
C GLN A 729 -11.44 35.53 23.63
N LEU A 730 -10.84 35.01 22.55
CA LEU A 730 -10.54 33.58 22.49
C LEU A 730 -9.48 33.18 23.50
N THR A 731 -8.50 34.06 23.74
CA THR A 731 -7.45 33.78 24.71
C THR A 731 -8.03 33.70 26.12
N ASN A 732 -8.89 34.66 26.48
CA ASN A 732 -9.50 34.63 27.80
C ASN A 732 -10.47 33.48 27.97
N LEU A 733 -11.10 33.01 26.89
CA LEU A 733 -12.01 31.88 27.02
C LEU A 733 -11.25 30.59 27.24
N LEU A 734 -10.17 30.38 26.49
CA LEU A 734 -9.41 29.15 26.67
C LEU A 734 -8.71 29.13 28.01
N SER A 735 -8.00 30.19 28.36
CA SER A 735 -7.31 30.19 29.65
C SER A 735 -8.28 30.18 30.82
N GLY A 736 -9.44 30.84 30.71
CA GLY A 736 -10.40 30.81 31.79
C GLY A 736 -11.00 29.44 32.02
N SER A 737 -11.32 28.71 30.93
CA SER A 737 -11.87 27.37 31.13
C SER A 737 -10.81 26.40 31.62
N ILE A 738 -9.54 26.62 31.24
CA ILE A 738 -8.47 25.76 31.72
C ILE A 738 -8.26 25.95 33.22
N GLU A 739 -8.13 27.21 33.64
CA GLU A 739 -7.95 27.50 35.05
C GLU A 739 -9.18 27.11 35.86
N HIS A 740 -10.37 27.16 35.24
CA HIS A 740 -11.57 26.72 35.94
C HIS A 740 -11.55 25.22 36.15
N CYS A 741 -11.04 24.46 35.18
CA CYS A 741 -11.02 23.01 35.33
C CYS A 741 -9.91 22.52 36.24
N LEU A 742 -8.77 23.22 36.31
CA LEU A 742 -7.67 22.68 37.10
C LEU A 742 -7.84 22.89 38.60
N ALA A 743 -8.52 23.96 39.02
CA ALA A 743 -8.56 24.40 40.41
C ALA A 743 -9.90 24.13 41.09
N SER A 744 -10.83 23.49 40.39
CA SER A 744 -12.18 23.19 40.87
C SER A 744 -12.37 21.70 40.98
N SER A 745 -12.29 20.98 39.86
CA SER A 745 -12.51 19.54 39.86
C SER A 745 -11.11 18.95 39.77
N VAL A 746 -10.58 18.59 40.95
CA VAL A 746 -9.20 18.12 41.08
C VAL A 746 -8.92 17.14 39.96
N GLN A 747 -7.83 17.36 39.24
CA GLN A 747 -7.72 16.82 37.89
C GLN A 747 -7.69 15.29 37.92
N LEU A 748 -8.69 14.69 37.27
CA LEU A 748 -8.77 13.27 37.01
C LEU A 748 -8.47 13.01 35.54
N GLN A 749 -8.72 11.78 35.10
CA GLN A 749 -8.48 11.44 33.70
C GLN A 749 -9.37 12.27 32.78
N GLU A 750 -10.61 12.54 33.21
CA GLU A 750 -11.48 13.38 32.40
C GLU A 750 -10.94 14.79 32.33
N GLN A 751 -10.50 15.33 33.47
CA GLN A 751 -9.94 16.67 33.47
C GLN A 751 -8.62 16.70 32.70
N GLN A 752 -7.87 15.59 32.71
CA GLN A 752 -6.64 15.52 31.93
C GLN A 752 -6.93 15.55 30.42
N ASP A 753 -7.95 14.81 29.98
CA ASP A 753 -8.33 14.83 28.57
C ASP A 753 -8.91 16.18 28.17
N TYR A 754 -9.58 16.85 29.11
CA TYR A 754 -10.15 18.16 28.85
C TYR A 754 -9.06 19.21 28.75
N ILE A 755 -8.06 19.13 29.63
CA ILE A 755 -6.93 20.04 29.58
C ILE A 755 -6.11 19.81 28.32
N ASN A 756 -5.87 18.54 27.95
CA ASN A 756 -5.16 18.25 26.72
C ASN A 756 -5.94 18.74 25.50
N CYS A 757 -7.26 18.65 25.55
CA CYS A 757 -8.08 19.14 24.46
C CYS A 757 -7.96 20.65 24.30
N LEU A 758 -8.01 21.37 25.43
CA LEU A 758 -7.89 22.82 25.34
C LEU A 758 -6.50 23.25 24.94
N LEU A 759 -5.47 22.50 25.35
CA LEU A 759 -4.11 22.80 24.90
C LEU A 759 -3.98 22.58 23.40
N TYR A 760 -4.56 21.50 22.87
CA TYR A 760 -4.56 21.32 21.43
C TYR A 760 -5.38 22.39 20.73
N CYS A 761 -6.41 22.92 21.38
CA CYS A 761 -7.15 24.03 20.80
C CYS A 761 -6.25 25.26 20.69
N ILE A 762 -5.44 25.49 21.72
CA ILE A 762 -4.47 26.58 21.69
C ILE A 762 -3.42 26.36 20.59
N SER A 763 -3.03 25.10 20.37
CA SER A 763 -2.08 24.81 19.29
C SER A 763 -2.69 25.05 17.92
N GLU A 764 -3.93 24.61 17.72
CA GLU A 764 -4.61 24.87 16.45
C GLU A 764 -4.85 26.35 16.23
N LEU A 765 -5.13 27.11 17.31
CA LEU A 765 -5.30 28.55 17.18
C LEU A 765 -3.98 29.24 16.85
N ALA A 766 -2.86 28.72 17.37
CA ALA A 766 -1.56 29.31 17.06
C ALA A 766 -1.17 29.01 15.62
N THR A 767 -1.53 27.83 15.12
CA THR A 767 -1.22 27.47 13.74
C THR A 767 -2.13 28.22 12.76
N SER A 768 -3.40 28.37 13.12
CA SER A 768 -4.36 29.04 12.24
C SER A 768 -4.07 30.51 12.07
N LEU A 769 -3.47 31.17 13.07
CA LEU A 769 -3.19 32.60 12.92
C LEU A 769 -1.92 32.88 12.12
N ILE A 770 -1.20 31.85 11.68
CA ILE A 770 -0.02 32.06 10.85
C ILE A 770 -0.47 32.47 9.45
N GLN A 771 0.12 33.54 8.93
CA GLN A 771 -0.22 34.03 7.60
C GLN A 771 0.16 33.03 6.51
N PRO A 772 -0.79 32.62 5.67
CA PRO A 772 -0.47 31.65 4.62
C PRO A 772 0.53 32.23 3.62
N THR A 773 1.38 31.35 3.09
CA THR A 773 2.39 31.76 2.12
C THR A 773 1.81 32.20 0.78
N GLU A 774 0.58 31.81 0.47
CA GLU A 774 -0.05 32.20 -0.79
C GLU A 774 -0.23 33.71 -0.89
N LEU A 785 0.99 48.00 7.91
CA LEU A 785 1.86 46.84 7.99
C LEU A 785 2.62 46.81 9.33
N SER A 786 3.36 47.89 9.55
CA SER A 786 4.17 48.10 10.75
C SER A 786 3.34 48.28 12.02
N GLU A 787 2.08 48.68 11.86
CA GLU A 787 1.17 48.79 13.00
C GLU A 787 0.91 47.46 13.68
N PHE A 788 0.78 46.37 12.90
CA PHE A 788 0.61 45.07 13.53
C PHE A 788 1.90 44.60 14.17
N GLN A 789 3.05 44.98 13.60
CA GLN A 789 4.31 44.59 14.19
C GLN A 789 4.51 45.25 15.55
N SER A 790 4.25 46.57 15.64
CA SER A 790 4.42 47.23 16.93
C SER A 790 3.38 46.79 17.95
N PHE A 791 2.16 46.48 17.48
CA PHE A 791 1.14 46.03 18.43
C PHE A 791 1.50 44.67 19.01
N TRP A 792 1.76 43.69 18.15
CA TRP A 792 2.07 42.35 18.66
C TRP A 792 3.47 42.28 19.28
N SER A 793 4.36 43.23 18.99
CA SER A 793 5.62 43.30 19.72
C SER A 793 5.40 43.78 21.14
N SER A 794 4.42 44.67 21.34
CA SER A 794 4.09 45.12 22.68
C SER A 794 3.02 44.27 23.35
N ASP A 795 2.05 43.78 22.57
CA ASP A 795 0.85 43.02 22.94
C ASP A 795 0.27 43.53 24.27
N PRO A 796 -0.35 44.71 24.22
CA PRO A 796 -0.93 45.32 25.43
C PRO A 796 -2.04 44.49 26.06
N LEU A 797 -2.68 43.63 25.28
CA LEU A 797 -3.72 42.76 25.81
C LEU A 797 -3.13 41.57 26.52
N GLN A 798 -1.80 41.44 26.48
CA GLN A 798 -1.07 40.40 27.17
C GLN A 798 -1.54 39.01 26.72
N ILE A 799 -1.47 38.79 25.40
CA ILE A 799 -1.85 37.48 24.89
C ILE A 799 -0.79 36.47 25.30
N ARG A 800 0.49 36.83 25.10
CA ARG A 800 1.58 35.96 25.51
C ARG A 800 1.66 35.86 27.02
N SER A 801 1.30 36.92 27.75
CA SER A 801 1.37 36.84 29.21
C SER A 801 0.32 35.89 29.76
N LYS A 802 -0.88 35.91 29.17
CA LYS A 802 -1.95 35.03 29.62
C LYS A 802 -1.66 33.60 29.21
N ILE A 803 -1.11 33.41 28.01
CA ILE A 803 -0.83 32.06 27.54
C ILE A 803 0.32 31.46 28.33
N MET A 804 1.37 32.24 28.59
CA MET A 804 2.51 31.74 29.36
C MET A 804 2.09 31.42 30.78
N CYS A 805 1.30 32.30 31.44
CA CYS A 805 0.85 31.98 32.79
C CYS A 805 -0.10 30.77 32.82
N THR A 806 -0.86 30.54 31.74
CA THR A 806 -1.72 29.36 31.69
C THR A 806 -0.89 28.09 31.54
N ILE A 807 0.13 28.12 30.67
CA ILE A 807 1.02 26.98 30.53
C ILE A 807 1.77 26.74 31.82
N ASP A 808 2.14 27.80 32.53
CA ASP A 808 2.79 27.61 33.82
C ASP A 808 1.86 26.95 34.82
N LYS A 809 0.59 27.37 34.85
CA LYS A 809 -0.36 26.77 35.78
C LYS A 809 -0.60 25.31 35.47
N VAL A 810 -0.54 24.93 34.20
CA VAL A 810 -0.72 23.51 33.88
C VAL A 810 0.54 22.72 34.24
N LEU A 811 1.72 23.25 33.90
CA LEU A 811 2.95 22.52 34.16
C LEU A 811 3.43 22.62 35.60
N ASP A 812 2.83 23.52 36.40
CA ASP A 812 3.14 23.57 37.83
C ASP A 812 2.45 22.48 38.62
N ASN A 813 1.49 21.79 38.01
CA ASN A 813 0.83 20.68 38.66
C ASN A 813 1.66 19.41 38.49
N SER A 814 1.82 18.65 39.58
CA SER A 814 2.63 17.44 39.54
C SER A 814 2.02 16.38 38.64
N ILE A 815 0.70 16.37 38.50
CA ILE A 815 0.06 15.37 37.66
C ILE A 815 0.27 15.63 36.17
N TYR A 816 0.74 16.82 35.81
CA TYR A 816 0.89 17.15 34.39
C TYR A 816 2.32 17.34 33.92
N CYS A 817 3.20 17.92 34.74
CA CYS A 817 4.57 18.20 34.29
C CYS A 817 5.36 16.94 33.99
N LYS A 818 5.11 15.84 34.71
CA LYS A 818 5.83 14.60 34.48
C LYS A 818 5.20 13.75 33.37
N ASN A 819 4.19 14.27 32.68
CA ASN A 819 3.57 13.61 31.55
C ASN A 819 4.20 14.15 30.26
N SER A 820 4.57 13.24 29.36
CA SER A 820 5.28 13.63 28.15
C SER A 820 4.38 14.40 27.17
N ALA A 821 3.07 14.08 27.15
CA ALA A 821 2.16 14.72 26.22
C ALA A 821 1.98 16.21 26.51
N PHE A 822 1.89 16.57 27.79
CA PHE A 822 1.70 17.97 28.14
C PHE A 822 2.97 18.77 27.93
N VAL A 823 4.14 18.16 28.16
CA VAL A 823 5.39 18.84 27.86
C VAL A 823 5.54 19.02 26.35
N GLU A 824 5.13 18.03 25.57
CA GLU A 824 5.21 18.14 24.13
C GLU A 824 4.35 19.27 23.60
N ILE A 825 3.08 19.31 23.98
CA ILE A 825 2.23 20.38 23.46
C ILE A 825 2.63 21.74 24.03
N GLY A 826 3.23 21.77 25.23
CA GLY A 826 3.68 23.04 25.78
C GLY A 826 4.86 23.60 25.02
N CYS A 827 5.85 22.75 24.74
CA CYS A 827 6.98 23.22 23.96
C CYS A 827 6.58 23.52 22.53
N LEU A 828 5.51 22.92 22.02
CA LEU A 828 5.08 23.26 20.67
C LEU A 828 4.46 24.65 20.65
N ILE A 829 3.59 24.95 21.61
CA ILE A 829 2.92 26.26 21.64
C ILE A 829 3.90 27.39 21.93
N VAL A 830 4.82 27.20 22.88
CA VAL A 830 5.79 28.27 23.18
C VAL A 830 6.72 28.51 21.98
N GLY A 831 7.05 27.45 21.25
CA GLY A 831 7.96 27.55 20.12
C GLY A 831 7.24 27.75 18.81
N LYS A 832 6.00 28.23 18.88
CA LYS A 832 5.24 28.50 17.67
C LYS A 832 5.80 29.72 16.96
N GLY A 833 6.14 30.77 17.71
CA GLY A 833 6.69 31.96 17.11
C GLY A 833 8.15 31.87 16.70
N LEU A 834 8.82 30.76 17.01
CA LEU A 834 10.21 30.60 16.64
C LEU A 834 10.34 30.09 15.21
N ASN A 835 11.45 30.44 14.58
CA ASN A 835 11.79 30.03 13.21
C ASN A 835 10.77 30.52 12.19
N LEU A 836 10.04 31.54 12.51
CA LEU A 836 9.13 32.08 11.52
C LEU A 836 9.86 33.15 10.71
N PRO A 837 9.47 33.40 9.46
CA PRO A 837 10.16 34.43 8.70
C PRO A 837 10.04 35.79 9.38
N ASP A 838 11.18 36.45 9.56
CA ASP A 838 11.20 37.74 10.23
C ASP A 838 10.41 38.76 9.43
N GLY A 839 9.70 39.63 10.15
CA GLY A 839 8.82 40.61 9.56
C GLY A 839 7.36 40.20 9.60
N GLU A 840 7.09 38.92 9.75
CA GLU A 840 5.72 38.44 9.85
C GLU A 840 5.16 38.86 11.19
N PRO A 841 4.05 39.62 11.23
CA PRO A 841 3.53 40.07 12.53
C PRO A 841 2.81 38.97 13.30
N TYR A 842 3.61 38.02 13.81
CA TYR A 842 3.05 36.92 14.59
C TYR A 842 2.78 37.41 16.00
N PHE A 843 1.65 36.95 16.57
CA PHE A 843 1.20 37.42 17.88
C PHE A 843 1.94 36.73 19.01
N LEU A 844 2.27 35.45 18.84
CA LEU A 844 2.86 34.62 19.88
C LEU A 844 4.37 34.53 19.73
N LYS A 845 4.98 35.49 19.03
CA LYS A 845 6.43 35.50 18.88
C LYS A 845 7.03 35.84 20.24
N TYR A 846 7.75 34.89 20.83
CA TYR A 846 8.37 35.05 22.13
C TYR A 846 9.84 35.43 21.97
N ASN A 847 10.32 36.21 22.93
CA ASN A 847 11.72 36.61 22.92
C ASN A 847 12.57 35.49 23.48
N MET A 848 13.86 35.76 23.68
CA MET A 848 14.77 34.72 24.14
C MET A 848 14.63 34.44 25.63
N SER A 849 14.52 35.50 26.43
CA SER A 849 14.46 35.37 27.87
C SER A 849 13.17 34.74 28.36
N GLU A 850 12.06 34.96 27.66
CA GLU A 850 10.79 34.39 28.11
C GLU A 850 10.78 32.88 27.95
N VAL A 851 11.22 32.40 26.78
CA VAL A 851 11.27 30.95 26.58
C VAL A 851 12.35 30.33 27.46
N MET A 852 13.47 31.05 27.67
CA MET A 852 14.51 30.51 28.53
C MET A 852 14.04 30.35 29.97
N ASN A 853 13.45 31.41 30.56
CA ASN A 853 12.94 31.30 31.92
C ASN A 853 11.78 30.33 32.03
N PHE A 854 11.06 30.10 30.92
CA PHE A 854 9.98 29.12 30.93
C PHE A 854 10.56 27.72 31.07
N VAL A 855 11.56 27.41 30.25
CA VAL A 855 12.16 26.09 30.31
C VAL A 855 12.85 25.92 31.67
N LEU A 856 13.56 26.94 32.13
CA LEU A 856 14.18 26.87 33.46
C LEU A 856 13.14 26.71 34.55
N ARG A 857 11.91 27.13 34.30
CA ARG A 857 10.85 27.06 35.30
C ARG A 857 10.37 25.64 35.43
N HIS A 858 10.15 24.95 34.30
CA HIS A 858 9.46 23.68 34.36
C HIS A 858 10.38 22.47 34.16
N VAL A 859 11.69 22.67 33.93
CA VAL A 859 12.64 21.57 33.72
C VAL A 859 13.05 20.82 35.01
N PRO A 860 13.14 21.46 36.21
CA PRO A 860 13.60 20.69 37.37
C PRO A 860 12.51 19.80 37.96
N ASN A 861 11.27 20.27 37.89
CA ASN A 861 10.13 19.61 38.49
C ASN A 861 9.50 18.56 37.58
N CYS A 862 9.98 18.44 36.34
CA CYS A 862 9.44 17.50 35.39
C CYS A 862 10.22 16.18 35.47
N GLU A 863 9.81 15.22 34.64
CA GLU A 863 10.51 13.93 34.52
C GLU A 863 11.65 14.07 33.53
N LEU A 864 12.89 13.94 34.02
CA LEU A 864 14.05 14.19 33.17
C LEU A 864 14.20 13.13 32.08
N ALA A 865 13.68 11.92 32.32
CA ALA A 865 13.86 10.86 31.34
C ALA A 865 13.06 11.14 30.06
N THR A 866 11.75 11.35 30.21
CA THR A 866 10.85 11.42 29.07
C THR A 866 10.52 12.85 28.62
N CYS A 867 10.75 13.88 29.45
CA CYS A 867 10.31 15.24 29.12
C CYS A 867 11.40 16.20 28.64
N LEU A 868 12.68 15.84 28.72
CA LEU A 868 13.76 16.75 28.36
C LEU A 868 13.94 17.09 26.87
N PRO A 869 13.83 16.11 25.95
CA PRO A 869 13.97 16.42 24.52
C PRO A 869 13.01 17.48 23.97
N TYR A 870 11.86 17.73 24.59
CA TYR A 870 10.98 18.76 24.06
C TYR A 870 11.50 20.14 24.42
N PHE A 871 12.02 20.29 25.64
CA PHE A 871 12.64 21.55 26.04
C PHE A 871 13.89 21.79 25.21
N VAL A 872 14.64 20.73 24.91
CA VAL A 872 15.87 20.89 24.14
C VAL A 872 15.55 21.28 22.68
N TYR A 873 14.52 20.68 22.08
CA TYR A 873 14.14 21.09 20.73
C TYR A 873 13.62 22.53 20.71
N LEU A 874 12.95 22.95 21.78
CA LEU A 874 12.57 24.36 21.86
C LEU A 874 13.79 25.27 21.98
N LEU A 875 14.81 24.84 22.73
CA LEU A 875 16.03 25.63 22.79
C LEU A 875 16.73 25.69 21.44
N GLU A 876 16.67 24.60 20.66
CA GLU A 876 17.28 24.63 19.34
C GLU A 876 16.54 25.58 18.41
N LYS A 877 15.22 25.66 18.57
CA LYS A 877 14.46 26.63 17.78
C LYS A 877 14.85 28.05 18.17
N LEU A 878 15.01 28.29 19.48
CA LEU A 878 15.40 29.61 19.96
C LEU A 878 16.80 29.98 19.49
N ILE A 879 17.71 29.00 19.47
CA ILE A 879 19.07 29.23 19.02
C ILE A 879 19.09 29.59 17.55
N SER A 880 18.30 28.89 16.73
CA SER A 880 18.27 29.21 15.30
C SER A 880 17.62 30.57 15.07
N GLU A 881 16.67 30.97 15.92
CA GLU A 881 16.00 32.26 15.76
C GLU A 881 16.89 33.41 16.20
N PHE A 882 17.47 33.31 17.40
CA PHE A 882 18.30 34.36 17.97
C PHE A 882 19.80 34.14 17.71
N ARG A 883 20.14 33.51 16.59
CA ARG A 883 21.54 33.21 16.28
C ARG A 883 22.38 34.48 16.19
N LYS A 884 21.77 35.59 15.82
CA LYS A 884 22.51 36.84 15.66
C LYS A 884 22.86 37.45 17.01
N GLU A 885 21.94 37.36 17.98
CA GLU A 885 22.14 37.99 19.27
C GLU A 885 22.67 37.04 20.33
N LEU A 886 23.00 35.80 19.97
CA LEU A 886 23.47 34.84 20.95
C LEU A 886 24.93 35.12 21.32
N THR A 887 25.28 34.76 22.55
CA THR A 887 26.60 34.95 23.12
C THR A 887 27.09 33.61 23.66
N PRO A 888 28.36 33.27 23.44
CA PRO A 888 28.88 32.01 24.00
C PRO A 888 28.69 31.88 25.50
N GLN A 889 28.66 32.98 26.24
CA GLN A 889 28.35 32.90 27.67
C GLN A 889 26.90 32.50 27.92
N GLU A 890 25.98 33.00 27.09
CA GLU A 890 24.59 32.57 27.23
C GLU A 890 24.44 31.10 26.85
N PHE A 891 25.22 30.67 25.85
CA PHE A 891 25.21 29.27 25.47
C PHE A 891 25.78 28.39 26.57
N ASP A 892 26.82 28.88 27.26
CA ASP A 892 27.35 28.15 28.41
C ASP A 892 26.33 28.10 29.54
N PHE A 893 25.54 29.16 29.69
CA PHE A 893 24.51 29.18 30.72
C PHE A 893 23.43 28.13 30.43
N MET A 894 23.00 28.04 29.17
CA MET A 894 22.00 27.03 28.82
C MET A 894 22.57 25.62 28.94
N PHE A 895 23.84 25.45 28.55
CA PHE A 895 24.45 24.13 28.59
C PHE A 895 24.66 23.67 30.02
N GLU A 896 24.97 24.61 30.92
CA GLU A 896 25.20 24.25 32.31
C GLU A 896 23.88 23.94 33.01
N LYS A 897 22.89 24.83 32.88
CA LYS A 897 21.66 24.68 33.64
C LYS A 897 20.83 23.51 33.14
N ILE A 898 20.66 23.38 31.82
CA ILE A 898 19.71 22.41 31.31
C ILE A 898 20.31 21.01 31.10
N LEU A 899 21.60 20.89 30.82
CA LEU A 899 22.17 19.61 30.43
C LEU A 899 23.25 19.09 31.36
N LEU A 900 24.24 19.90 31.70
CA LEU A 900 25.41 19.38 32.41
C LEU A 900 25.04 18.90 33.81
N VAL A 901 24.19 19.64 34.52
CA VAL A 901 23.83 19.24 35.88
C VAL A 901 23.08 17.90 35.85
N TYR A 902 22.23 17.69 34.85
CA TYR A 902 21.44 16.46 34.76
C TYR A 902 22.12 15.39 33.90
N TYR A 903 23.38 15.60 33.53
CA TYR A 903 24.02 14.71 32.56
C TYR A 903 24.46 13.40 33.20
N ASP A 904 25.37 13.48 34.18
CA ASP A 904 26.04 12.31 34.73
C ASP A 904 25.08 11.31 35.38
N ALA A 905 23.86 11.74 35.71
CA ALA A 905 22.90 10.88 36.36
C ALA A 905 21.82 10.34 35.40
N TYR A 906 21.24 11.22 34.57
CA TYR A 906 20.08 10.86 33.77
C TYR A 906 20.35 10.77 32.28
N ILE A 907 21.46 11.31 31.78
CA ILE A 907 21.71 11.45 30.35
C ILE A 907 22.74 10.44 29.86
N ILE A 908 23.85 10.29 30.57
CA ILE A 908 24.97 9.51 30.05
C ILE A 908 24.55 8.05 29.86
N ASN A 909 23.68 7.54 30.71
CA ASN A 909 23.20 6.16 30.62
C ASN A 909 21.86 6.02 29.90
N ASP A 910 21.32 7.12 29.35
CA ASP A 910 20.06 7.06 28.64
C ASP A 910 20.33 7.32 27.18
N PRO A 911 20.01 6.37 26.28
CA PRO A 911 20.29 6.60 24.86
C PRO A 911 19.51 7.74 24.25
N ASP A 912 18.23 7.90 24.63
CA ASP A 912 17.45 8.98 24.04
C ASP A 912 18.03 10.33 24.44
N LEU A 913 18.34 10.51 25.72
CA LEU A 913 18.94 11.77 26.18
C LEU A 913 20.37 11.92 25.67
N LEU A 914 21.08 10.82 25.43
CA LEU A 914 22.43 10.92 24.88
C LEU A 914 22.40 11.46 23.44
N GLN A 915 21.59 10.82 22.59
CA GLN A 915 21.45 11.31 21.22
C GLN A 915 20.83 12.70 21.18
N MET A 916 20.01 13.03 22.20
CA MET A 916 19.44 14.36 22.29
C MET A 916 20.52 15.41 22.51
N THR A 917 21.45 15.13 23.43
CA THR A 917 22.52 16.08 23.69
C THR A 917 23.45 16.20 22.49
N ILE A 918 23.76 15.08 21.85
CA ILE A 918 24.63 15.14 20.67
C ILE A 918 23.96 15.95 19.55
N GLY A 919 22.67 15.72 19.31
CA GLY A 919 21.95 16.50 18.31
C GLY A 919 21.88 17.98 18.64
N PHE A 920 21.87 18.31 19.93
CA PHE A 920 21.89 19.72 20.31
C PHE A 920 23.22 20.37 19.96
N VAL A 921 24.31 19.67 20.26
CA VAL A 921 25.61 20.23 19.94
C VAL A 921 25.77 20.33 18.42
N ASN A 922 25.23 19.36 17.68
CA ASN A 922 25.27 19.44 16.22
C ASN A 922 24.45 20.62 15.71
N ASN A 923 23.34 20.95 16.38
CA ASN A 923 22.58 22.13 15.97
C ASN A 923 23.39 23.40 16.20
N VAL A 924 24.14 23.45 17.30
CA VAL A 924 24.96 24.63 17.55
C VAL A 924 26.06 24.74 16.50
N LEU A 925 26.64 23.61 16.11
CA LEU A 925 27.66 23.64 15.06
C LEU A 925 27.08 24.03 13.71
N ASP A 926 25.81 23.68 13.43
CA ASP A 926 25.19 24.05 12.17
C ASP A 926 24.78 25.52 12.12
N VAL A 927 24.40 26.10 13.26
CA VAL A 927 23.88 27.47 13.28
C VAL A 927 25.01 28.47 13.49
N LYS A 928 25.66 28.42 14.65
CA LYS A 928 26.72 29.38 14.99
C LYS A 928 27.81 28.58 15.69
N PRO A 929 28.86 28.20 14.96
CA PRO A 929 29.94 27.41 15.58
C PRO A 929 30.69 28.17 16.66
N GLY A 930 30.72 29.51 16.58
CA GLY A 930 31.44 30.30 17.56
C GLY A 930 30.94 30.13 18.98
N LEU A 931 29.68 29.72 19.15
CA LEU A 931 29.15 29.48 20.49
C LEU A 931 29.71 28.20 21.08
N ALA A 932 29.79 27.14 20.28
CA ALA A 932 30.30 25.86 20.77
C ALA A 932 31.81 25.86 20.90
N ILE A 933 32.51 26.55 20.00
CA ILE A 933 33.98 26.57 20.04
C ILE A 933 34.46 27.37 21.24
N GLY A 934 33.80 28.49 21.53
CA GLY A 934 34.15 29.36 22.64
C GLY A 934 33.54 28.95 23.96
N SER A 935 33.24 27.66 24.12
CA SER A 935 32.63 27.19 25.35
C SER A 935 33.71 26.84 26.36
N LYS A 936 33.40 27.05 27.65
CA LYS A 936 34.31 26.68 28.72
C LYS A 936 34.42 25.17 28.87
N HIS A 937 33.37 24.44 28.48
CA HIS A 937 33.32 22.99 28.55
C HIS A 937 33.66 22.35 27.21
N TRP A 938 34.15 23.15 26.26
CA TRP A 938 34.47 22.63 24.93
C TRP A 938 35.64 21.66 24.97
N THR A 939 36.78 22.09 25.51
CA THR A 939 37.96 21.24 25.59
C THR A 939 37.94 20.29 26.78
N SER A 940 37.21 20.64 27.84
CA SER A 940 37.14 19.88 29.08
C SER A 940 36.05 18.82 29.13
N PHE A 941 34.90 19.08 28.51
CA PHE A 941 33.75 18.19 28.60
C PHE A 941 33.31 17.63 27.25
N ILE A 942 33.08 18.49 26.26
CA ILE A 942 32.46 18.03 25.01
C ILE A 942 33.38 17.05 24.28
N LEU A 943 34.66 17.42 24.14
CA LEU A 943 35.61 16.57 23.41
C LEU A 943 35.93 15.26 24.12
N PRO A 944 36.24 15.21 25.42
CA PRO A 944 36.53 13.89 26.03
C PRO A 944 35.32 12.97 26.02
N GLN A 945 34.14 13.51 26.32
CA GLN A 945 32.95 12.68 26.37
C GLN A 945 32.63 12.13 24.97
N PHE A 946 32.53 13.02 23.98
CA PHE A 946 32.25 12.51 22.64
C PHE A 946 33.39 11.65 22.09
N LEU A 947 34.60 11.78 22.63
CA LEU A 947 35.67 10.86 22.22
C LEU A 947 35.44 9.46 22.75
N LYS A 948 34.97 9.34 24.00
CA LYS A 948 34.73 8.01 24.54
C LYS A 948 33.49 7.35 23.96
N LEU A 949 32.55 8.14 23.46
CA LEU A 949 31.27 7.69 22.92
C LEU A 949 31.36 7.26 21.46
N ILE A 950 32.54 7.24 20.86
CA ILE A 950 32.68 6.89 19.45
C ILE A 950 32.30 5.42 19.22
N PRO A 951 32.84 4.41 19.97
CA PRO A 951 32.40 3.04 19.73
C PRO A 951 31.17 2.69 20.54
N SER A 952 30.15 3.54 20.43
CA SER A 952 28.89 3.33 21.15
C SER A 952 28.09 2.19 20.54
N ARG A 953 27.17 1.66 21.34
CA ARG A 953 26.32 0.53 20.94
C ARG A 953 24.97 0.93 20.37
N GLU A 954 24.58 2.20 20.45
CA GLU A 954 23.31 2.64 19.89
C GLU A 954 23.52 3.18 18.48
N LYS A 955 22.62 2.80 17.57
CA LYS A 955 22.77 3.22 16.18
C LYS A 955 22.64 4.73 16.10
N PHE A 956 21.59 5.29 16.72
CA PHE A 956 21.40 6.73 16.67
C PHE A 956 22.52 7.46 17.40
N THR A 957 23.10 6.85 18.43
CA THR A 957 24.24 7.48 19.09
C THR A 957 25.49 7.45 18.23
N ILE A 958 25.69 6.34 17.49
CA ILE A 958 26.84 6.28 16.58
C ILE A 958 26.70 7.32 15.49
N VAL A 959 25.53 7.41 14.87
CA VAL A 959 25.28 8.40 13.82
C VAL A 959 25.38 9.82 14.36
N ALA A 960 24.99 10.02 15.63
CA ALA A 960 25.06 11.35 16.23
C ALA A 960 26.51 11.78 16.41
N VAL A 961 27.34 10.90 16.97
CA VAL A 961 28.74 11.26 17.18
C VAL A 961 29.45 11.44 15.85
N ALA A 962 29.16 10.57 14.88
CA ALA A 962 29.78 10.69 13.56
C ALA A 962 29.40 12.00 12.89
N LYS A 963 28.13 12.40 13.00
CA LYS A 963 27.74 13.68 12.42
C LYS A 963 28.38 14.83 13.17
N PHE A 964 28.60 14.66 14.47
CA PHE A 964 29.24 15.72 15.24
C PHE A 964 30.65 15.98 14.74
N TRP A 965 31.48 14.94 14.70
CA TRP A 965 32.85 15.16 14.24
C TRP A 965 32.92 15.51 12.75
N THR A 966 32.00 14.97 11.93
CA THR A 966 31.95 15.31 10.51
C THR A 966 31.62 16.78 10.29
N LYS A 967 30.63 17.30 11.00
CA LYS A 967 30.30 18.71 10.88
C LYS A 967 31.43 19.57 11.45
N LEU A 968 32.08 19.09 12.51
CA LEU A 968 33.19 19.82 13.09
C LEU A 968 34.34 19.95 12.10
N ILE A 969 34.52 18.96 11.22
CA ILE A 969 35.63 19.04 10.28
C ILE A 969 35.23 19.79 9.00
N ASN A 970 34.05 19.52 8.46
CA ASN A 970 33.65 20.08 7.18
C ASN A 970 32.82 21.35 7.32
N ASN A 971 32.84 21.99 8.50
CA ASN A 971 32.08 23.22 8.69
C ASN A 971 32.71 24.36 7.92
N LYS A 972 31.88 25.05 7.11
CA LYS A 972 32.29 26.19 6.32
C LYS A 972 31.93 27.53 6.94
N LYS A 973 31.20 27.54 8.06
CA LYS A 973 30.81 28.78 8.72
C LYS A 973 31.84 29.26 9.73
N TYR A 974 33.01 28.63 9.78
CA TYR A 974 34.03 29.02 10.73
C TYR A 974 34.64 30.36 10.38
N ASN A 975 34.89 31.17 11.40
CA ASN A 975 35.71 32.36 11.23
C ASN A 975 37.16 31.90 11.05
N GLN A 976 37.98 32.81 10.51
CA GLN A 976 39.38 32.48 10.26
C GLN A 976 40.11 32.14 11.55
N GLU A 977 39.81 32.86 12.63
CA GLU A 977 40.36 32.52 13.94
C GLU A 977 39.77 31.24 14.47
N GLU A 978 38.46 31.03 14.26
CA GLU A 978 37.85 29.80 14.72
C GLU A 978 38.38 28.61 13.95
N LEU A 979 38.64 28.79 12.66
CA LEU A 979 39.20 27.71 11.86
C LEU A 979 40.62 27.37 12.29
N THR A 980 41.42 28.38 12.61
CA THR A 980 42.77 28.09 13.08
C THR A 980 42.76 27.38 14.42
N THR A 981 41.88 27.79 15.34
CA THR A 981 41.82 27.12 16.64
C THR A 981 41.31 25.68 16.50
N VAL A 982 40.35 25.46 15.59
CA VAL A 982 39.84 24.11 15.39
C VAL A 982 40.92 23.21 14.82
N ARG A 983 41.61 23.68 13.78
CA ARG A 983 42.69 22.87 13.22
C ARG A 983 43.79 22.61 14.23
N GLN A 984 44.05 23.55 15.13
CA GLN A 984 45.04 23.32 16.18
C GLN A 984 44.58 22.24 17.15
N GLN A 985 43.31 22.28 17.56
CA GLN A 985 42.84 21.30 18.54
C GLN A 985 42.74 19.91 17.91
N VAL A 986 42.29 19.84 16.67
CA VAL A 986 42.17 18.56 15.98
C VAL A 986 43.56 17.95 15.80
N SER A 987 44.54 18.79 15.43
CA SER A 987 45.94 18.39 15.31
C SER A 987 46.58 18.11 16.66
N SER A 988 45.79 17.63 17.62
CA SER A 988 46.24 17.34 18.98
C SER A 988 45.56 16.06 19.45
N ILE A 989 44.28 15.90 19.07
CA ILE A 989 43.48 14.75 19.47
C ILE A 989 43.32 13.72 18.35
N GLY A 990 43.64 14.08 17.10
CA GLY A 990 43.64 13.18 15.97
C GLY A 990 44.12 11.76 16.19
N GLY A 991 45.14 11.59 17.03
CA GLY A 991 45.63 10.28 17.42
C GLY A 991 44.55 9.39 18.01
N ASP A 992 44.03 9.81 19.17
CA ASP A 992 42.92 9.11 19.81
C ASP A 992 41.71 8.95 18.89
N LEU A 993 41.49 9.90 17.97
CA LEU A 993 40.40 9.76 17.01
C LEU A 993 40.55 8.50 16.15
N VAL A 994 41.72 8.29 15.56
CA VAL A 994 41.91 7.08 14.76
C VAL A 994 41.79 5.83 15.63
N TYR A 995 42.23 5.91 16.88
CA TYR A 995 42.08 4.77 17.77
C TYR A 995 40.63 4.44 18.02
N GLN A 996 39.78 5.45 18.24
CA GLN A 996 38.36 5.21 18.44
C GLN A 996 37.70 4.70 17.17
N ILE A 997 38.18 5.17 16.01
CA ILE A 997 37.63 4.70 14.75
C ILE A 997 37.93 3.23 14.53
N MET A 998 39.20 2.84 14.66
CA MET A 998 39.55 1.43 14.45
C MET A 998 39.03 0.55 15.58
N TYR A 999 38.85 1.10 16.78
CA TYR A 999 38.25 0.37 17.89
C TYR A 999 36.80 0.04 17.61
N GLY A 1000 36.03 1.02 17.12
CA GLY A 1000 34.66 0.73 16.75
C GLY A 1000 34.56 -0.16 15.53
N LEU A 1001 35.41 0.10 14.53
CA LEU A 1001 35.39 -0.72 13.31
C LEU A 1001 35.78 -2.16 13.60
N PHE A 1002 36.69 -2.40 14.56
CA PHE A 1002 37.06 -3.77 14.89
C PHE A 1002 35.93 -4.48 15.62
N HIS A 1003 35.39 -3.85 16.67
CA HIS A 1003 34.38 -4.51 17.49
C HIS A 1003 33.00 -4.50 16.84
N THR A 1004 32.78 -3.67 15.83
CA THR A 1004 31.51 -3.65 15.15
C THR A 1004 31.46 -4.77 14.12
N GLN A 1005 30.28 -4.93 13.53
CA GLN A 1005 30.08 -5.86 12.42
C GLN A 1005 29.36 -5.08 11.33
N ARG A 1006 28.93 -5.77 10.27
CA ARG A 1006 28.41 -5.11 9.07
C ARG A 1006 27.30 -4.13 9.43
N SER A 1007 27.05 -3.17 8.54
CA SER A 1007 26.04 -2.12 8.57
C SER A 1007 26.45 -0.92 9.41
N ASP A 1008 27.60 -0.96 10.11
CA ASP A 1008 28.14 0.22 10.78
C ASP A 1008 29.52 0.57 10.25
N LEU A 1009 30.00 -0.16 9.24
CA LEU A 1009 31.31 0.12 8.66
C LEU A 1009 31.36 1.45 7.94
N ASN A 1010 30.23 1.93 7.41
CA ASN A 1010 30.28 3.16 6.62
C ASN A 1010 30.14 4.42 7.47
N SER A 1011 30.41 4.33 8.77
CA SER A 1011 30.08 5.42 9.67
C SER A 1011 31.31 6.28 9.95
N TYR A 1012 32.40 5.64 10.35
CA TYR A 1012 33.73 6.20 10.48
C TYR A 1012 34.50 6.16 9.16
N THR A 1013 33.89 5.63 8.09
CA THR A 1013 34.40 5.89 6.75
C THR A 1013 34.24 7.35 6.33
N ASP A 1014 33.03 7.92 6.50
CA ASP A 1014 32.92 9.34 6.15
C ASP A 1014 33.69 10.21 7.12
N LEU A 1015 33.92 9.72 8.34
CA LEU A 1015 34.71 10.45 9.32
C LEU A 1015 36.17 10.42 8.90
N LEU A 1016 36.63 9.25 8.47
CA LEU A 1016 37.99 9.09 7.96
C LEU A 1016 38.12 9.81 6.63
N ARG A 1017 37.08 9.84 5.81
CA ARG A 1017 37.18 10.56 4.55
C ARG A 1017 37.41 12.04 4.83
N ALA A 1018 36.67 12.61 5.79
CA ALA A 1018 36.86 14.03 6.07
C ALA A 1018 38.21 14.27 6.74
N LEU A 1019 38.63 13.37 7.63
CA LEU A 1019 39.91 13.56 8.32
C LEU A 1019 41.10 13.40 7.37
N VAL A 1020 41.00 12.51 6.39
CA VAL A 1020 42.09 12.34 5.43
C VAL A 1020 42.10 13.50 4.45
N ALA A 1021 40.93 13.98 4.02
CA ALA A 1021 40.92 15.08 3.07
C ALA A 1021 41.42 16.34 3.75
N LYS A 1022 41.03 16.56 5.01
CA LYS A 1022 41.41 17.76 5.74
C LYS A 1022 42.81 17.65 6.33
N PHE A 1023 43.18 16.47 6.81
CA PHE A 1023 44.50 16.24 7.43
C PHE A 1023 45.18 15.03 6.77
N PRO A 1024 45.67 15.18 5.54
CA PRO A 1024 46.32 14.03 4.88
C PRO A 1024 47.71 13.73 5.42
N ILE A 1025 48.42 14.75 5.87
CA ILE A 1025 49.79 14.55 6.36
C ILE A 1025 49.80 13.83 7.71
N GLU A 1026 49.05 14.35 8.68
CA GLU A 1026 48.98 13.70 9.99
C GLU A 1026 48.19 12.40 9.96
N ALA A 1027 47.50 12.12 8.85
CA ALA A 1027 46.75 10.88 8.72
C ALA A 1027 47.68 9.67 8.77
N ARG A 1028 48.81 9.74 8.06
CA ARG A 1028 49.76 8.64 8.10
C ARG A 1028 50.40 8.50 9.48
N GLU A 1029 50.73 9.61 10.13
CA GLU A 1029 51.30 9.52 11.47
C GLU A 1029 50.33 8.91 12.47
N TRP A 1030 49.04 9.20 12.31
CA TRP A 1030 48.05 8.66 13.23
C TRP A 1030 47.66 7.24 12.85
N LEU A 1031 47.84 6.87 11.59
CA LEU A 1031 47.49 5.52 11.17
C LEU A 1031 48.60 4.54 11.55
N VAL A 1032 49.86 4.95 11.43
CA VAL A 1032 50.95 4.05 11.80
C VAL A 1032 50.99 3.79 13.30
N ALA A 1033 50.26 4.57 14.08
CA ALA A 1033 50.16 4.36 15.52
C ALA A 1033 48.87 3.67 15.92
N VAL A 1034 47.76 3.96 15.24
CA VAL A 1034 46.49 3.34 15.62
C VAL A 1034 46.26 1.96 15.00
N LEU A 1035 46.82 1.71 13.80
CA LEU A 1035 46.61 0.42 13.15
C LEU A 1035 47.24 -0.76 13.89
N PRO A 1036 48.52 -0.72 14.30
CA PRO A 1036 49.09 -1.89 14.97
C PRO A 1036 48.46 -2.20 16.32
N GLN A 1037 47.90 -1.20 17.02
CA GLN A 1037 47.28 -1.48 18.30
C GLN A 1037 45.98 -2.28 18.14
N ILE A 1038 45.16 -1.94 17.15
CA ILE A 1038 43.93 -2.68 16.90
C ILE A 1038 44.17 -3.86 15.97
N ALA A 1043 48.91 -8.56 11.02
CA ALA A 1043 49.51 -7.52 11.85
C ALA A 1043 50.22 -6.48 11.00
N GLY A 1044 51.36 -6.88 10.45
CA GLY A 1044 52.13 -6.01 9.56
C GLY A 1044 51.38 -5.61 8.29
N HIS A 1045 50.49 -6.47 7.81
CA HIS A 1045 49.73 -6.18 6.59
C HIS A 1045 48.86 -4.94 6.71
N GLU A 1046 48.58 -4.48 7.92
CA GLU A 1046 47.80 -3.25 8.07
C GLU A 1046 48.45 -2.10 7.32
N LYS A 1047 49.78 -2.09 7.22
CA LYS A 1047 50.47 -1.02 6.51
C LYS A 1047 49.95 -0.83 5.08
N PHE A 1048 49.40 -1.89 4.48
CA PHE A 1048 48.91 -1.80 3.11
C PHE A 1048 47.82 -0.74 2.96
N ILE A 1049 46.97 -0.56 3.97
CA ILE A 1049 45.90 0.42 3.80
C ILE A 1049 46.45 1.83 3.76
N ASN A 1050 47.58 2.08 4.45
CA ASN A 1050 48.13 3.44 4.52
C ASN A 1050 48.41 3.99 3.13
N LYS A 1051 49.15 3.25 2.32
CA LYS A 1051 49.43 3.71 0.97
C LYS A 1051 48.15 3.80 0.15
N LEU A 1052 47.26 2.83 0.29
CA LEU A 1052 46.09 2.80 -0.58
C LEU A 1052 44.98 3.77 -0.18
N LEU A 1053 44.92 4.18 1.10
CA LEU A 1053 43.87 5.08 1.53
C LEU A 1053 44.21 6.55 1.30
N ILE A 1054 45.41 6.97 1.71
CA ILE A 1054 45.80 8.37 1.51
C ILE A 1054 45.88 8.71 0.03
N THR A 1055 46.24 7.72 -0.80
CA THR A 1055 46.26 7.93 -2.25
C THR A 1055 44.88 8.25 -2.78
N ARG A 1056 43.84 7.71 -2.14
CA ARG A 1056 42.47 7.91 -2.59
C ARG A 1056 41.99 9.34 -2.31
N GLY A 1057 42.33 9.86 -1.13
CA GLY A 1057 41.84 11.16 -0.71
C GLY A 1057 40.47 11.12 -0.08
N SER A 1058 39.48 10.66 -0.86
CA SER A 1058 38.10 10.56 -0.41
C SER A 1058 37.28 9.88 -1.50
N ARG A 1059 36.00 9.68 -1.21
CA ARG A 1059 34.93 9.29 -2.13
C ARG A 1059 34.96 7.80 -2.49
N ALA A 1060 36.04 7.08 -2.20
CA ALA A 1060 36.03 5.65 -2.47
C ALA A 1060 36.76 4.90 -1.37
N ALA A 1061 36.77 5.44 -0.16
CA ALA A 1061 37.26 4.71 0.99
C ALA A 1061 36.19 3.69 1.34
N GLY A 1062 36.35 2.99 2.44
CA GLY A 1062 35.43 1.89 2.69
C GLY A 1062 35.76 0.70 1.82
N ASN A 1063 35.81 0.92 0.50
CA ASN A 1063 36.32 -0.12 -0.39
C ASN A 1063 37.73 -0.53 -0.01
N VAL A 1064 38.55 0.43 0.41
CA VAL A 1064 39.86 0.11 0.98
C VAL A 1064 39.71 -0.37 2.42
N ILE A 1065 38.65 0.08 3.08
CA ILE A 1065 38.51 -0.18 4.51
C ILE A 1065 38.06 -1.61 4.76
N LEU A 1066 37.07 -2.10 4.01
CA LEU A 1066 36.64 -3.46 4.29
C LEU A 1066 37.69 -4.46 3.82
N GLN A 1067 38.46 -4.12 2.77
CA GLN A 1067 39.62 -4.92 2.40
C GLN A 1067 40.73 -4.86 3.43
N TRP A 1068 40.70 -3.90 4.34
CA TRP A 1068 41.61 -3.89 5.48
C TRP A 1068 41.06 -4.67 6.68
N TRP A 1069 39.75 -4.54 6.92
CA TRP A 1069 39.07 -5.30 7.98
C TRP A 1069 39.13 -6.80 7.72
N LEU A 1070 38.97 -7.21 6.45
CA LEU A 1070 39.06 -8.62 6.11
C LEU A 1070 40.43 -9.17 6.47
N ASP A 1071 41.48 -8.38 6.23
CA ASP A 1071 42.82 -8.80 6.62
C ASP A 1071 42.96 -8.86 8.13
N CYS A 1072 42.65 -7.76 8.82
CA CYS A 1072 42.84 -7.65 10.27
C CYS A 1072 41.83 -8.46 11.08
N THR A 1073 40.93 -9.24 10.47
CA THR A 1073 40.03 -10.00 11.32
C THR A 1073 40.55 -11.41 11.59
N THR A 1074 41.02 -12.10 10.56
CA THR A 1074 41.47 -13.48 10.71
C THR A 1074 42.73 -13.53 11.57
N LEU A 1075 43.75 -12.78 11.16
CA LEU A 1075 45.06 -12.76 11.82
C LEU A 1075 45.65 -14.15 11.98
N SER B 2 14.09 2.54 -17.51
CA SER B 2 14.59 1.84 -18.68
C SER B 2 13.41 1.20 -19.43
N SER B 3 13.65 0.09 -20.13
CA SER B 3 12.54 -0.52 -20.85
C SER B 3 11.96 -1.73 -20.15
N LEU B 4 12.75 -2.51 -19.41
CA LEU B 4 12.14 -3.48 -18.50
C LEU B 4 11.23 -2.74 -17.52
N CYS B 5 11.67 -1.55 -17.09
CA CYS B 5 10.94 -0.76 -16.11
C CYS B 5 9.51 -0.46 -16.55
N LEU B 6 9.32 0.06 -17.77
CA LEU B 6 7.97 0.45 -18.18
C LEU B 6 7.10 -0.76 -18.49
N GLN B 7 7.70 -1.82 -19.02
CA GLN B 7 6.95 -3.06 -19.28
C GLN B 7 6.44 -3.64 -17.97
N ARG B 8 7.32 -3.68 -16.95
CA ARG B 8 6.93 -4.17 -15.64
C ARG B 8 5.84 -3.31 -15.03
N LEU B 9 5.98 -1.98 -15.12
CA LEU B 9 4.96 -1.11 -14.52
C LEU B 9 3.61 -1.26 -15.21
N GLN B 10 3.60 -1.46 -16.53
CA GLN B 10 2.36 -1.72 -17.23
C GLN B 10 1.71 -3.01 -16.73
N GLU B 11 2.51 -4.06 -16.58
CA GLU B 11 1.98 -5.33 -16.07
C GLU B 11 1.46 -5.17 -14.64
N GLU B 12 2.18 -4.42 -13.81
CA GLU B 12 1.72 -4.14 -12.45
C GLU B 12 0.37 -3.43 -12.47
N ARG B 13 0.20 -2.51 -13.41
CA ARG B 13 -1.03 -1.72 -13.46
C ARG B 13 -2.21 -2.62 -13.83
N LYS B 14 -2.03 -3.45 -14.86
CA LYS B 14 -3.04 -4.45 -15.21
C LYS B 14 -3.35 -5.38 -14.03
N LYS B 15 -2.32 -5.94 -13.39
CA LYS B 15 -2.52 -6.85 -12.27
C LYS B 15 -3.27 -6.21 -11.11
N TRP B 16 -2.83 -5.04 -10.66
CA TRP B 16 -3.55 -4.34 -9.59
C TRP B 16 -5.00 -4.11 -9.98
N ARG B 17 -5.23 -3.45 -11.11
CA ARG B 17 -6.58 -3.12 -11.56
C ARG B 17 -7.48 -4.35 -11.64
N LYS B 18 -6.90 -5.52 -11.92
CA LYS B 18 -7.68 -6.74 -11.95
C LYS B 18 -7.99 -7.33 -10.57
N ASP B 19 -7.13 -7.17 -9.57
CA ASP B 19 -7.37 -7.83 -8.28
C ASP B 19 -6.55 -7.17 -7.19
N HIS B 20 -7.23 -6.66 -6.16
CA HIS B 20 -6.55 -5.96 -5.08
C HIS B 20 -7.48 -5.92 -3.87
N PRO B 21 -6.95 -5.68 -2.67
CA PRO B 21 -7.78 -5.70 -1.46
C PRO B 21 -8.79 -4.56 -1.43
N PHE B 22 -9.94 -4.84 -0.82
CA PHE B 22 -11.00 -3.84 -0.65
C PHE B 22 -10.49 -2.59 0.05
N GLY B 23 -10.90 -1.43 -0.49
CA GLY B 23 -10.62 -0.16 0.13
C GLY B 23 -9.33 0.49 -0.30
N PHE B 24 -8.51 -0.23 -1.04
CA PHE B 24 -7.33 0.39 -1.62
C PHE B 24 -7.70 0.99 -2.95
N TYR B 25 -6.90 1.97 -3.38
CA TYR B 25 -6.96 2.46 -4.74
C TYR B 25 -5.54 2.80 -5.14
N ALA B 26 -5.32 2.84 -6.45
CA ALA B 26 -4.01 3.16 -6.98
C ALA B 26 -4.15 3.52 -8.45
N LYS B 27 -3.44 4.56 -8.88
CA LYS B 27 -3.61 5.00 -10.24
C LYS B 27 -2.37 5.82 -10.56
N PRO B 28 -1.84 5.72 -11.77
CA PRO B 28 -0.80 6.63 -12.21
C PRO B 28 -1.26 8.09 -12.16
N VAL B 29 -0.35 8.96 -11.75
CA VAL B 29 -0.68 10.36 -11.82
C VAL B 29 -0.68 10.78 -13.29
N LYS B 30 -1.42 11.84 -13.59
CA LYS B 30 -1.48 12.29 -14.96
C LYS B 30 -0.41 13.35 -15.18
N LYS B 31 0.23 13.29 -16.33
CA LYS B 31 1.21 14.28 -16.75
C LYS B 31 0.49 15.45 -17.41
N ALA B 32 1.25 16.44 -17.84
CA ALA B 32 0.64 17.67 -18.33
C ALA B 32 -0.16 17.42 -19.59
N ASP B 33 0.19 16.37 -20.35
CA ASP B 33 -0.50 16.03 -21.57
C ASP B 33 -1.64 15.05 -21.35
N GLY B 34 -1.95 14.72 -20.10
CA GLY B 34 -2.96 13.74 -19.75
C GLY B 34 -2.53 12.29 -19.81
N SER B 35 -1.30 12.01 -20.26
CA SER B 35 -0.78 10.66 -20.26
C SER B 35 -0.38 10.29 -18.84
N MET B 36 -0.14 9.00 -18.62
CA MET B 36 0.19 8.54 -17.28
C MET B 36 1.69 8.60 -17.05
N ASP B 37 2.08 9.07 -15.87
CA ASP B 37 3.46 8.95 -15.41
C ASP B 37 3.54 7.60 -14.70
N LEU B 38 3.99 6.58 -15.43
CA LEU B 38 4.04 5.22 -14.89
C LEU B 38 4.98 5.09 -13.70
N GLN B 39 5.94 6.00 -13.54
CA GLN B 39 6.91 5.92 -12.45
C GLN B 39 6.52 6.71 -11.20
N LYS B 40 5.33 7.32 -11.18
CA LYS B 40 4.83 8.00 -9.98
C LYS B 40 3.34 7.73 -9.86
N TRP B 41 2.95 6.97 -8.83
CA TRP B 41 1.56 6.62 -8.57
C TRP B 41 1.04 7.26 -7.29
N GLU B 42 -0.29 7.46 -7.25
CA GLU B 42 -1.01 7.85 -6.06
C GLU B 42 -1.78 6.65 -5.53
N ALA B 43 -1.75 6.44 -4.21
CA ALA B 43 -2.50 5.35 -3.63
C ALA B 43 -3.09 5.75 -2.29
N GLY B 44 -3.96 4.87 -1.78
CA GLY B 44 -4.66 5.07 -0.53
C GLY B 44 -4.63 3.77 0.25
N ILE B 45 -4.33 3.82 1.54
CA ILE B 45 -4.19 2.62 2.36
C ILE B 45 -5.26 2.70 3.44
N PRO B 46 -6.29 1.85 3.41
CA PRO B 46 -7.27 1.88 4.49
C PRO B 46 -6.70 1.33 5.79
N GLY B 47 -7.08 1.97 6.89
CA GLY B 47 -6.76 1.42 8.20
C GLY B 47 -7.48 0.09 8.43
N LYS B 48 -6.85 -0.78 9.21
CA LYS B 48 -7.50 -2.02 9.56
C LYS B 48 -8.63 -1.75 10.55
N GLU B 49 -9.80 -2.33 10.29
CA GLU B 49 -10.88 -2.28 11.24
C GLU B 49 -10.46 -2.94 12.55
N GLY B 50 -10.96 -2.41 13.66
CA GLY B 50 -10.62 -2.94 14.97
C GLY B 50 -9.25 -2.54 15.47
N THR B 51 -8.66 -1.51 14.89
CA THR B 51 -7.42 -0.89 15.37
C THR B 51 -7.66 0.61 15.49
N ASN B 52 -6.76 1.30 16.21
CA ASN B 52 -6.87 2.75 16.29
C ASN B 52 -6.71 3.41 14.93
N TRP B 53 -6.26 2.66 13.91
CA TRP B 53 -6.16 3.13 12.54
C TRP B 53 -7.46 3.02 11.76
N ALA B 54 -8.47 2.37 12.33
CA ALA B 54 -9.73 2.15 11.63
C ALA B 54 -10.36 3.48 11.23
N GLY B 55 -10.93 3.53 10.01
CA GLY B 55 -11.66 4.67 9.52
C GLY B 55 -10.84 5.61 8.65
N GLY B 56 -9.51 5.58 8.78
CA GLY B 56 -8.67 6.40 7.92
C GLY B 56 -8.38 5.73 6.59
N VAL B 57 -8.17 6.55 5.57
CA VAL B 57 -7.58 6.10 4.31
C VAL B 57 -6.37 7.00 4.07
N TYR B 58 -5.18 6.45 4.30
CA TYR B 58 -3.96 7.24 4.32
C TYR B 58 -3.33 7.31 2.94
N PRO B 59 -3.17 8.49 2.35
CA PRO B 59 -2.66 8.59 0.97
C PRO B 59 -1.14 8.48 0.94
N ILE B 60 -0.63 7.76 -0.06
CA ILE B 60 0.81 7.63 -0.25
C ILE B 60 1.15 7.92 -1.70
N THR B 61 2.42 8.26 -1.93
CA THR B 61 2.97 8.34 -3.27
C THR B 61 4.05 7.27 -3.44
N VAL B 62 4.07 6.67 -4.63
CA VAL B 62 5.04 5.64 -4.99
C VAL B 62 5.86 6.11 -6.18
N GLU B 63 7.18 6.24 -6.00
CA GLU B 63 8.11 6.74 -7.02
C GLU B 63 9.03 5.59 -7.42
N TYR B 64 8.89 5.12 -8.66
CA TYR B 64 9.68 3.99 -9.17
C TYR B 64 10.96 4.47 -9.85
N PRO B 65 12.14 4.02 -9.40
CA PRO B 65 13.38 4.48 -10.04
C PRO B 65 13.54 3.82 -11.40
N ASN B 66 14.35 4.45 -12.24
CA ASN B 66 14.62 3.91 -13.58
C ASN B 66 15.10 2.46 -13.52
N GLU B 67 15.81 2.09 -12.46
CA GLU B 67 16.32 0.73 -12.31
C GLU B 67 15.30 -0.24 -11.71
N TYR B 68 14.10 0.20 -11.37
CA TYR B 68 13.07 -0.75 -11.01
C TYR B 68 12.88 -1.75 -12.15
N PRO B 69 12.66 -3.04 -11.86
CA PRO B 69 12.54 -3.60 -10.52
C PRO B 69 13.86 -4.09 -9.88
N SER B 70 15.02 -3.83 -10.50
CA SER B 70 16.28 -4.03 -9.79
C SER B 70 16.30 -3.25 -8.48
N LYS B 71 15.82 -2.00 -8.50
CA LYS B 71 15.76 -1.24 -7.26
C LYS B 71 14.30 -1.05 -6.84
N PRO B 72 14.04 -1.03 -5.54
CA PRO B 72 12.66 -0.90 -5.07
C PRO B 72 12.14 0.51 -5.30
N PRO B 73 10.82 0.69 -5.31
CA PRO B 73 10.28 2.04 -5.31
C PRO B 73 10.47 2.71 -3.95
N LYS B 74 10.42 4.03 -3.97
CA LYS B 74 10.36 4.83 -2.75
C LYS B 74 8.91 5.18 -2.46
N VAL B 75 8.47 4.91 -1.23
CA VAL B 75 7.08 5.11 -0.85
C VAL B 75 7.07 6.15 0.27
N LYS B 76 6.23 7.17 0.10
CA LYS B 76 6.18 8.28 1.06
C LYS B 76 4.75 8.60 1.45
N PHE B 77 4.53 8.77 2.75
CA PHE B 77 3.35 9.44 3.26
C PHE B 77 3.52 10.95 3.13
N PRO B 78 2.46 11.73 3.41
CA PRO B 78 2.63 13.19 3.44
C PRO B 78 3.67 13.58 4.48
N ALA B 79 4.39 14.67 4.21
CA ALA B 79 5.33 15.16 5.20
C ALA B 79 4.59 15.48 6.49
N GLY B 80 5.14 15.02 7.60
CA GLY B 80 4.52 15.20 8.89
C GLY B 80 3.56 14.11 9.32
N PHE B 81 3.32 13.10 8.48
CA PHE B 81 2.64 11.89 8.93
C PHE B 81 3.26 11.34 10.21
N TYR B 82 2.40 10.94 11.16
CA TYR B 82 2.83 10.48 12.47
C TYR B 82 2.84 8.95 12.51
N HIS B 83 4.04 8.37 12.61
CA HIS B 83 4.22 6.94 12.80
C HIS B 83 5.70 6.64 13.02
N PRO B 84 6.04 5.70 13.91
CA PRO B 84 7.46 5.49 14.24
C PRO B 84 8.31 5.04 13.05
N ASN B 85 7.71 4.47 12.00
CA ASN B 85 8.45 3.96 10.85
C ASN B 85 8.34 4.86 9.63
N VAL B 86 7.91 6.11 9.81
CA VAL B 86 7.76 7.07 8.72
C VAL B 86 8.73 8.21 8.99
N TYR B 87 9.69 8.42 8.08
CA TYR B 87 10.61 9.54 8.23
C TYR B 87 9.85 10.86 8.24
N PRO B 88 10.47 11.94 8.74
CA PRO B 88 9.90 13.28 8.57
C PRO B 88 9.50 13.60 7.14
N SER B 89 10.27 13.10 6.17
CA SER B 89 9.97 13.28 4.76
C SER B 89 8.75 12.48 4.32
N GLY B 90 8.34 11.50 5.12
CA GLY B 90 7.27 10.59 4.76
C GLY B 90 7.76 9.22 4.36
N THR B 91 9.07 9.07 4.17
CA THR B 91 9.64 7.80 3.73
C THR B 91 9.34 6.70 4.74
N ILE B 92 8.77 5.61 4.25
CA ILE B 92 8.42 4.45 5.06
C ILE B 92 9.62 3.54 5.21
N CYS B 93 9.91 3.14 6.44
CA CYS B 93 10.94 2.15 6.71
C CYS B 93 10.27 0.76 6.74
N LEU B 94 10.54 -0.04 5.71
CA LEU B 94 9.94 -1.37 5.57
C LEU B 94 10.94 -2.27 4.87
N SER B 95 11.10 -3.49 5.39
CA SER B 95 12.13 -4.40 4.89
C SER B 95 11.98 -4.68 3.40
N ILE B 96 10.73 -4.88 2.94
CA ILE B 96 10.48 -5.13 1.52
C ILE B 96 10.72 -3.92 0.62
N LEU B 97 10.88 -2.72 1.19
CA LEU B 97 11.12 -1.54 0.38
C LEU B 97 12.58 -1.14 0.39
N ASN B 98 13.44 -1.97 0.98
CA ASN B 98 14.85 -1.66 1.13
C ASN B 98 15.64 -2.66 0.31
N GLU B 99 16.42 -2.15 -0.66
CA GLU B 99 17.15 -3.03 -1.56
C GLU B 99 18.23 -3.77 -0.82
N ASP B 100 18.67 -3.24 0.31
CA ASP B 100 19.69 -3.81 1.18
C ASP B 100 19.09 -4.84 2.13
N GLN B 101 17.78 -5.10 2.04
CA GLN B 101 17.15 -6.09 2.91
C GLN B 101 16.33 -7.12 2.14
N ASP B 102 15.00 -7.01 2.20
CA ASP B 102 14.08 -8.05 1.74
C ASP B 102 13.42 -7.73 0.41
N TRP B 103 13.81 -6.63 -0.24
CA TRP B 103 13.33 -6.36 -1.59
C TRP B 103 13.73 -7.49 -2.52
N ARG B 104 12.76 -7.96 -3.31
CA ARG B 104 13.03 -8.84 -4.43
C ARG B 104 12.27 -8.31 -5.63
N PRO B 105 12.87 -8.36 -6.82
CA PRO B 105 12.19 -7.86 -8.02
C PRO B 105 10.77 -8.35 -8.20
N ALA B 106 10.48 -9.60 -7.81
CA ALA B 106 9.16 -10.18 -7.98
C ALA B 106 8.10 -9.60 -7.05
N ILE B 107 8.47 -8.84 -6.01
CA ILE B 107 7.48 -8.31 -5.09
C ILE B 107 6.52 -7.38 -5.82
N THR B 108 5.23 -7.55 -5.61
CA THR B 108 4.22 -6.80 -6.35
C THR B 108 3.65 -5.69 -5.48
N LEU B 109 2.94 -4.76 -6.13
CA LEU B 109 2.28 -3.67 -5.42
C LEU B 109 1.34 -4.15 -4.33
N LYS B 110 0.52 -5.16 -4.63
CA LYS B 110 -0.35 -5.75 -3.61
C LYS B 110 0.41 -6.14 -2.35
N GLN B 111 1.58 -6.76 -2.51
CA GLN B 111 2.36 -7.18 -1.35
C GLN B 111 2.89 -5.97 -0.59
N ILE B 112 3.31 -4.93 -1.32
CA ILE B 112 3.77 -3.68 -0.69
C ILE B 112 2.66 -3.07 0.16
N VAL B 113 1.47 -2.90 -0.43
CA VAL B 113 0.39 -2.21 0.27
C VAL B 113 -0.10 -3.04 1.47
N LEU B 114 -0.16 -4.37 1.34
CA LEU B 114 -0.48 -5.17 2.52
C LEU B 114 0.62 -5.10 3.58
N GLY B 115 1.87 -4.99 3.16
CA GLY B 115 2.96 -4.78 4.11
C GLY B 115 2.80 -3.48 4.87
N VAL B 116 2.43 -2.41 4.16
CA VAL B 116 2.22 -1.12 4.80
C VAL B 116 1.04 -1.19 5.76
N GLN B 117 -0.06 -1.80 5.33
CA GLN B 117 -1.20 -1.99 6.21
C GLN B 117 -0.79 -2.73 7.49
N ASP B 118 -0.01 -3.81 7.35
CA ASP B 118 0.38 -4.56 8.53
C ASP B 118 1.26 -3.72 9.44
N LEU B 119 2.15 -2.94 8.84
CA LEU B 119 3.01 -2.05 9.60
C LEU B 119 2.20 -1.03 10.39
N LEU B 120 1.02 -0.65 9.88
CA LEU B 120 0.30 0.46 10.48
C LEU B 120 0.05 0.20 11.97
N ASP B 121 -0.61 -0.90 12.30
CA ASP B 121 -0.94 -1.17 13.70
C ASP B 121 0.13 -1.98 14.42
N SER B 122 1.21 -2.35 13.74
CA SER B 122 2.27 -3.17 14.32
C SER B 122 3.64 -2.59 13.98
N PRO B 123 3.99 -1.46 14.59
CA PRO B 123 5.25 -0.81 14.24
C PRO B 123 6.45 -1.69 14.57
N ASN B 124 7.50 -1.55 13.74
CA ASN B 124 8.74 -2.30 13.92
C ASN B 124 9.70 -1.45 14.73
N PRO B 125 10.10 -1.88 15.93
CA PRO B 125 11.02 -1.06 16.75
C PRO B 125 12.40 -0.84 16.13
N ASN B 126 12.86 -1.75 15.28
CA ASN B 126 14.17 -1.63 14.64
C ASN B 126 14.26 -0.54 13.57
N SER B 127 13.18 0.15 13.24
CA SER B 127 13.24 1.29 12.31
C SER B 127 12.58 2.53 12.91
N PRO B 128 13.15 3.09 13.98
CA PRO B 128 12.59 4.35 14.51
C PRO B 128 12.88 5.58 13.66
N ALA B 129 12.00 5.88 12.70
CA ALA B 129 12.22 6.99 11.79
C ALA B 129 11.73 8.32 12.34
N GLN B 130 10.88 8.29 13.36
CA GLN B 130 10.21 9.49 13.86
C GLN B 130 10.32 9.50 15.38
N GLU B 131 11.09 10.44 15.91
CA GLU B 131 11.33 10.51 17.35
C GLU B 131 10.04 10.62 18.15
N PRO B 132 9.15 11.60 17.91
CA PRO B 132 7.96 11.74 18.76
C PRO B 132 7.03 10.52 18.73
N ALA B 133 6.73 9.97 17.56
CA ALA B 133 5.89 8.77 17.50
C ALA B 133 6.50 7.60 18.27
N TRP B 134 7.80 7.31 18.05
CA TRP B 134 8.41 6.18 18.75
C TRP B 134 8.45 6.41 20.25
N ARG B 135 8.83 7.63 20.64
CA ARG B 135 8.85 8.01 22.05
C ARG B 135 7.50 7.87 22.72
N SER B 136 6.44 8.39 22.09
CA SER B 136 5.11 8.24 22.67
C SER B 136 4.71 6.78 22.73
N PHE B 137 4.93 6.04 21.64
CA PHE B 137 4.68 4.61 21.62
C PHE B 137 5.34 3.91 22.81
N SER B 138 6.57 4.29 23.13
CA SER B 138 7.37 3.56 24.11
C SER B 138 7.18 4.07 25.52
N ARG B 139 6.71 5.31 25.70
CA ARG B 139 6.65 5.96 27.00
C ARG B 139 5.28 6.51 27.36
N ASN B 140 4.40 6.74 26.39
CA ASN B 140 3.07 7.29 26.67
C ASN B 140 2.09 6.70 25.65
N LYS B 141 1.76 5.42 25.83
CA LYS B 141 0.92 4.73 24.86
C LYS B 141 -0.43 5.41 24.68
N ALA B 142 -1.00 5.97 25.77
CA ALA B 142 -2.27 6.67 25.68
C ALA B 142 -2.20 7.84 24.70
N GLU B 143 -1.13 8.63 24.78
CA GLU B 143 -0.95 9.73 23.83
C GLU B 143 -0.82 9.22 22.40
N TYR B 144 -0.06 8.15 22.20
CA TYR B 144 0.08 7.58 20.86
C TYR B 144 -1.26 7.16 20.30
N ASP B 145 -2.06 6.43 21.10
CA ASP B 145 -3.36 5.98 20.62
C ASP B 145 -4.27 7.17 20.33
N LYS B 146 -4.24 8.21 21.18
CA LYS B 146 -5.07 9.37 20.93
C LYS B 146 -4.69 10.04 19.62
N LYS B 147 -3.37 10.15 19.37
CA LYS B 147 -2.88 10.75 18.14
C LYS B 147 -3.31 9.93 16.94
N VAL B 148 -3.20 8.61 17.02
CA VAL B 148 -3.62 7.74 15.93
C VAL B 148 -5.10 7.93 15.63
N LEU B 149 -5.95 7.89 16.66
CA LEU B 149 -7.38 8.16 16.50
C LEU B 149 -7.66 9.53 15.86
N LEU B 150 -6.94 10.58 16.29
CA LEU B 150 -7.18 11.86 15.64
C LEU B 150 -6.67 11.89 14.21
N GLN B 151 -5.59 11.17 13.91
CA GLN B 151 -5.12 11.11 12.53
C GLN B 151 -6.07 10.29 11.65
N ALA B 152 -6.71 9.28 12.23
CA ALA B 152 -7.74 8.53 11.51
C ALA B 152 -8.93 9.42 11.17
N LYS B 153 -9.34 10.26 12.12
CA LYS B 153 -10.35 11.26 11.82
C LYS B 153 -9.84 12.23 10.75
N GLN B 154 -8.58 12.64 10.88
CA GLN B 154 -7.92 13.54 9.93
C GLN B 154 -8.01 13.04 8.49
N TYR B 155 -7.81 11.73 8.27
CA TYR B 155 -7.79 11.16 6.93
C TYR B 155 -9.04 10.35 6.62
N SER B 156 -10.15 10.74 7.24
CA SER B 156 -11.38 9.95 7.27
C SER B 156 -11.77 9.47 5.87
N LYS B 157 -12.14 8.20 5.79
CA LYS B 157 -12.69 7.60 4.55
C LYS B 157 -13.86 8.40 3.96
#